data_6JWT
#
_entry.id   6JWT
#
_cell.length_a   100.627
_cell.length_b   136.597
_cell.length_c   138.518
_cell.angle_alpha   90.000
_cell.angle_beta   90.000
_cell.angle_gamma   90.000
#
_symmetry.space_group_name_H-M   'P 21 21 21'
#
loop_
_entity.id
_entity.type
_entity.pdbx_description
1 polymer '7,8-dihydro-6-hydroxymethylpterin pyrophosphokinase-dihydropteroate synthase'
2 non-polymer 'ADENOSINE MONOPHOSPHATE'
3 non-polymer 'MAGNESIUM ION'
4 non-polymer 'PTEROIC ACID'
5 non-polymer 'CALCIUM ION'
6 non-polymer 'ACETATE ION'
7 non-polymer "ADENOSINE-5'-TRIPHOSPHATE"
8 water water
#
_entity_poly.entity_id   1
_entity_poly.type   'polypeptide(L)'
_entity_poly.pdbx_seq_one_letter_code
;METIQELILSEENKTNIAVLNLGTNDRRNAVLILETALHLVEKYLGKIINTSYLYETVPEYIVLDKKESCEKINKDCRIY
DVNYINELMQNLEESKYEENKELIDKCEEYETFLKNGKVDNSILKEVNVENYLLECNNIIVKNDEIMKNNLSKYKDKYYT
SYFYNLTVVVKTFVNDPLSMLVVIKYIEELMKRENVKEKEKFENRIIDIDILFFNDFTIFMKNIKLEKNMIYKILSKYIH
LERDIKNGNDNMSKVNMDKDINLNNNNNIKKKNNNDIDCDCVDQKMNNHVNNKNYINSFRDPQEIINNMVDNIEFLSIPH
VYTTHRYSILLCLNDMIPEYKHNVLNNTIRCLYNKYVSRMKEQYNINIKENNKRIYVLKDRISYLKEKTNIVGILNVNYD
SFSDGGIFVEPKRAVQRMFEMINEGASVIDIGGESFGPFVIPNPKISERDLVVPVLQLFQKEWNDIKNKIVKCDAKPIIS
IDTINYNVFKECVDNDLVDILNDISACTNNPEIIKLLKKKNKFYSVVLMHKRGNPHTMDKLTNYDNLVYDIKNYLEQRLN
FLVLNGIPRYRILFDIGLGFAKKHDQSIKLLQNIHVYDEYPLFIGYSRKRFITHCMNDQNVVINTQQKLHDEQQNENKNI
VDKSHNWMFQMNYMRKDKDQLLYQKNICGGLAIASYSYYKKVDLIRVHDVLETKSVLDVLTKIDQVKDPNSSSVDKLAAA
LEHHHHHH
;
_entity_poly.pdbx_strand_id   A,B
#
# COMPACT_ATOMS: atom_id res chain seq x y z
N LEU A 7 22.30 -49.81 35.08
CA LEU A 7 22.89 -48.43 35.08
C LEU A 7 21.80 -47.44 34.64
N ILE A 8 20.57 -47.94 34.54
CA ILE A 8 19.41 -47.16 34.11
C ILE A 8 19.00 -46.18 35.21
N LEU A 9 18.91 -46.67 36.47
CA LEU A 9 18.64 -45.82 37.62
C LEU A 9 19.95 -45.43 38.32
N SER A 10 21.04 -45.37 37.55
CA SER A 10 22.33 -44.87 38.00
C SER A 10 22.15 -43.62 38.86
N GLU A 11 22.83 -43.61 40.02
CA GLU A 11 22.79 -42.47 40.95
C GLU A 11 23.58 -41.30 40.36
N GLU A 12 24.33 -41.58 39.28
CA GLU A 12 25.17 -40.61 38.60
C GLU A 12 24.29 -39.65 37.79
N ASN A 13 23.86 -38.56 38.45
CA ASN A 13 23.01 -37.53 37.87
C ASN A 13 23.81 -36.75 36.83
N LYS A 14 23.16 -36.48 35.68
CA LYS A 14 23.82 -35.91 34.52
C LYS A 14 22.96 -34.78 33.97
N THR A 15 23.54 -34.01 33.04
CA THR A 15 22.80 -32.99 32.31
C THR A 15 22.87 -33.25 30.80
N ASN A 16 21.73 -33.65 30.22
CA ASN A 16 21.68 -33.95 28.80
C ASN A 16 20.82 -32.92 28.08
N ILE A 17 20.97 -32.84 26.75
CA ILE A 17 20.14 -31.96 25.94
C ILE A 17 19.09 -32.75 25.17
N ALA A 18 17.81 -32.40 25.32
CA ALA A 18 16.74 -33.06 24.59
C ALA A 18 15.89 -32.07 23.79
N VAL A 19 15.51 -32.46 22.58
CA VAL A 19 14.60 -31.65 21.78
C VAL A 19 13.26 -32.37 21.72
N LEU A 20 12.18 -31.67 22.10
CA LEU A 20 10.85 -32.24 22.18
C LEU A 20 9.96 -31.59 21.13
N ASN A 21 8.85 -32.26 20.82
CA ASN A 21 7.83 -31.72 19.96
C ASN A 21 6.54 -31.86 20.74
N LEU A 22 5.75 -30.81 20.79
CA LEU A 22 4.49 -30.82 21.51
C LEU A 22 3.38 -30.58 20.48
N GLY A 23 2.37 -31.47 20.47
CA GLY A 23 1.24 -31.39 19.55
C GLY A 23 -0.11 -31.48 20.26
N THR A 24 -1.05 -30.63 19.85
CA THR A 24 -2.45 -30.79 20.21
C THR A 24 -3.30 -30.67 18.95
N ASN A 25 -4.61 -30.97 19.07
CA ASN A 25 -5.50 -30.96 17.93
C ASN A 25 -6.61 -29.93 18.14
N ASP A 26 -6.76 -29.47 19.39
CA ASP A 26 -7.87 -28.61 19.76
C ASP A 26 -7.49 -27.14 19.65
N ARG A 27 -8.02 -26.47 18.62
CA ARG A 27 -7.72 -25.07 18.33
C ARG A 27 -8.04 -24.17 19.52
N ARG A 28 -9.19 -24.39 20.17
CA ARG A 28 -9.69 -23.43 21.16
C ARG A 28 -8.83 -23.44 22.42
N ASN A 29 -8.23 -24.60 22.74
CA ASN A 29 -7.52 -24.76 24.01
C ASN A 29 -6.02 -24.95 23.83
N ALA A 30 -5.57 -25.04 22.57
CA ALA A 30 -4.19 -25.26 22.19
C ALA A 30 -3.19 -24.61 23.14
N VAL A 31 -3.34 -23.30 23.39
CA VAL A 31 -2.37 -22.56 24.17
C VAL A 31 -2.27 -23.13 25.58
N LEU A 32 -3.44 -23.29 26.21
CA LEU A 32 -3.50 -23.78 27.58
C LEU A 32 -2.98 -25.20 27.61
N ILE A 33 -3.33 -25.97 26.58
CA ILE A 33 -2.93 -27.36 26.52
C ILE A 33 -1.41 -27.41 26.40
N LEU A 34 -0.87 -26.74 25.38
CA LEU A 34 0.56 -26.75 25.11
C LEU A 34 1.35 -26.07 26.24
N GLU A 35 0.75 -25.06 26.85
CA GLU A 35 1.46 -24.33 27.88
C GLU A 35 1.48 -25.14 29.17
N THR A 36 0.41 -25.92 29.42
CA THR A 36 0.36 -26.85 30.53
C THR A 36 1.49 -27.86 30.35
N ALA A 37 1.60 -28.41 29.14
CA ALA A 37 2.68 -29.32 28.82
C ALA A 37 4.03 -28.65 29.09
N LEU A 38 4.16 -27.36 28.72
CA LEU A 38 5.42 -26.64 28.91
C LEU A 38 5.79 -26.59 30.39
N HIS A 39 4.78 -26.33 31.22
CA HIS A 39 4.99 -26.17 32.66
C HIS A 39 5.43 -27.49 33.27
N LEU A 40 4.72 -28.56 32.89
CA LEU A 40 5.05 -29.89 33.36
C LEU A 40 6.40 -30.36 32.81
N VAL A 41 6.86 -29.81 31.68
CA VAL A 41 8.21 -30.11 31.22
C VAL A 41 9.25 -29.44 32.11
N GLU A 42 8.99 -28.18 32.53
CA GLU A 42 9.96 -27.43 33.33
C GLU A 42 10.03 -28.00 34.74
N LYS A 43 8.89 -28.57 35.17
CA LYS A 43 8.78 -29.10 36.51
C LYS A 43 9.49 -30.45 36.59
N TYR A 44 9.29 -31.29 35.56
CA TYR A 44 9.52 -32.71 35.64
C TYR A 44 10.76 -33.16 34.85
N LEU A 45 11.33 -32.32 33.98
CA LEU A 45 12.34 -32.84 33.08
C LEU A 45 13.64 -32.03 33.14
N GLY A 46 13.53 -30.73 33.44
CA GLY A 46 14.70 -29.88 33.46
C GLY A 46 14.31 -28.45 33.15
N LYS A 47 15.23 -27.76 32.44
CA LYS A 47 15.09 -26.36 32.08
C LYS A 47 14.80 -26.19 30.59
N ILE A 48 13.75 -25.44 30.24
CA ILE A 48 13.50 -25.02 28.86
C ILE A 48 14.51 -23.92 28.51
N ILE A 49 15.30 -24.11 27.45
CA ILE A 49 16.30 -23.12 27.07
C ILE A 49 16.15 -22.74 25.59
N ASN A 50 15.10 -23.27 24.96
CA ASN A 50 14.70 -22.84 23.63
C ASN A 50 13.27 -23.29 23.34
N THR A 51 12.57 -22.49 22.55
CA THR A 51 11.26 -22.84 22.04
C THR A 51 11.17 -22.27 20.64
N SER A 52 10.31 -22.86 19.82
CA SER A 52 10.03 -22.37 18.49
C SER A 52 8.79 -21.47 18.60
N TYR A 53 8.31 -20.99 17.45
CA TYR A 53 6.98 -20.40 17.44
C TYR A 53 5.97 -21.54 17.60
N LEU A 54 4.72 -21.17 17.88
CA LEU A 54 3.53 -22.01 17.78
C LEU A 54 3.03 -21.99 16.34
N TYR A 55 2.66 -23.16 15.77
CA TYR A 55 2.15 -23.25 14.40
C TYR A 55 0.82 -24.00 14.30
N GLU A 56 -0.08 -23.44 13.50
CA GLU A 56 -1.22 -24.17 12.98
C GLU A 56 -0.81 -24.81 11.66
N THR A 57 -0.89 -26.14 11.65
CA THR A 57 -0.51 -26.96 10.51
C THR A 57 -1.75 -27.67 9.95
N VAL A 58 -1.70 -27.92 8.65
CA VAL A 58 -2.72 -28.69 7.97
C VAL A 58 -2.03 -29.66 7.02
N PRO A 59 -1.71 -30.92 7.45
CA PRO A 59 -0.93 -31.86 6.63
C PRO A 59 -1.73 -32.49 5.49
N VAL A 82 -11.76 -29.73 29.35
CA VAL A 82 -12.16 -28.29 29.33
C VAL A 82 -11.26 -27.53 30.30
N ASN A 83 -11.36 -27.86 31.61
CA ASN A 83 -10.84 -27.01 32.67
C ASN A 83 -10.58 -27.80 33.96
N TYR A 84 -10.37 -29.12 33.83
CA TYR A 84 -9.87 -29.89 34.96
C TYR A 84 -8.36 -29.66 35.07
N ILE A 85 -7.76 -29.24 33.94
CA ILE A 85 -6.36 -28.87 33.84
C ILE A 85 -6.03 -27.87 34.95
N ASN A 86 -6.95 -26.91 35.16
CA ASN A 86 -6.79 -25.88 36.17
C ASN A 86 -6.55 -26.49 37.55
N GLU A 87 -7.27 -27.58 37.85
CA GLU A 87 -7.13 -28.23 39.15
C GLU A 87 -6.32 -29.52 39.05
N LEU A 88 -5.74 -29.81 37.89
CA LEU A 88 -4.64 -30.75 37.84
C LEU A 88 -3.41 -30.08 38.46
N MET A 89 -3.22 -28.79 38.14
CA MET A 89 -2.02 -28.02 38.46
C MET A 89 -1.87 -27.84 39.96
N GLN A 90 -3.03 -27.85 40.65
CA GLN A 90 -3.07 -27.80 42.10
C GLN A 90 -2.46 -29.09 42.68
N ASN A 91 -2.97 -30.24 42.21
CA ASN A 91 -2.77 -31.57 42.78
C ASN A 91 -1.53 -32.27 42.21
N LEU A 92 -0.52 -31.49 41.78
CA LEU A 92 0.66 -32.09 41.17
C LEU A 92 1.50 -32.73 42.28
N GLU A 93 2.26 -33.76 41.92
CA GLU A 93 3.25 -34.27 42.84
C GLU A 93 4.52 -33.45 42.67
N GLU A 94 5.25 -33.22 43.75
CA GLU A 94 6.51 -32.49 43.70
C GLU A 94 7.53 -33.30 42.88
N SER A 95 8.36 -32.57 42.11
CA SER A 95 9.55 -33.16 41.50
C SER A 95 10.55 -33.44 42.60
N LYS A 96 11.49 -34.33 42.32
CA LYS A 96 12.61 -34.60 43.20
C LYS A 96 13.83 -33.80 42.76
N TYR A 97 13.66 -32.96 41.74
CA TYR A 97 14.79 -32.20 41.23
C TYR A 97 14.50 -30.72 41.41
N GLU A 98 15.55 -29.92 41.59
CA GLU A 98 15.30 -28.55 41.97
C GLU A 98 15.04 -27.70 40.72
N GLU A 99 14.34 -26.59 40.96
CA GLU A 99 14.10 -25.53 39.99
C GLU A 99 14.98 -24.33 40.34
N ASN A 100 15.60 -23.69 39.34
CA ASN A 100 16.47 -22.55 39.56
C ASN A 100 16.20 -21.45 38.55
N LYS A 101 15.71 -20.29 39.03
CA LYS A 101 15.26 -19.27 38.10
C LYS A 101 16.34 -18.24 37.80
N GLU A 102 17.55 -18.34 38.36
CA GLU A 102 18.54 -17.32 38.10
C GLU A 102 18.76 -17.18 36.59
N LEU A 103 18.83 -15.95 36.11
CA LEU A 103 19.14 -15.68 34.72
C LEU A 103 20.48 -16.32 34.38
N ILE A 104 20.55 -17.02 33.23
CA ILE A 104 21.83 -17.45 32.67
C ILE A 104 22.09 -16.70 31.37
N ASP A 105 23.38 -16.56 31.01
CA ASP A 105 23.85 -15.83 29.85
C ASP A 105 24.26 -16.83 28.77
N LYS A 106 24.38 -18.10 29.14
CA LYS A 106 25.15 -19.08 28.39
C LYS A 106 24.84 -20.45 28.96
N CYS A 107 24.81 -21.47 28.11
CA CYS A 107 24.63 -22.83 28.59
C CYS A 107 25.54 -23.77 27.80
N GLU A 108 26.51 -24.37 28.50
CA GLU A 108 27.67 -25.00 27.87
C GLU A 108 27.27 -26.28 27.15
N GLU A 109 26.42 -27.10 27.81
CA GLU A 109 25.91 -28.36 27.28
C GLU A 109 25.10 -28.13 26.00
N TYR A 110 24.40 -26.99 25.94
CA TYR A 110 23.70 -26.55 24.75
C TYR A 110 24.71 -26.18 23.65
N GLU A 111 25.74 -25.39 23.97
CA GLU A 111 26.75 -25.07 22.97
C GLU A 111 27.34 -26.37 22.43
N THR A 112 27.46 -27.36 23.31
CA THR A 112 28.12 -28.61 22.99
C THR A 112 27.18 -29.39 22.08
N PHE A 113 25.89 -29.42 22.43
CA PHE A 113 24.89 -30.12 21.67
C PHE A 113 24.73 -29.55 20.27
N LEU A 114 24.76 -28.20 20.15
CA LEU A 114 24.63 -27.56 18.85
C LEU A 114 25.82 -27.96 17.97
N LYS A 115 27.00 -28.08 18.59
CA LYS A 115 28.27 -28.13 17.86
C LYS A 115 28.64 -29.57 17.48
N ASN A 116 27.93 -30.55 18.08
CA ASN A 116 28.23 -31.99 18.00
C ASN A 116 29.55 -32.33 18.69
N GLY A 117 29.98 -31.50 19.64
CA GLY A 117 31.12 -31.80 20.48
C GLY A 117 30.85 -33.03 21.33
N LYS A 118 31.82 -33.40 22.18
CA LYS A 118 31.79 -34.71 22.81
C LYS A 118 30.93 -34.70 24.08
N VAL A 119 30.14 -35.77 24.23
CA VAL A 119 29.40 -36.02 25.47
C VAL A 119 29.61 -37.49 25.85
N ASP A 120 29.02 -37.88 27.00
CA ASP A 120 29.18 -39.20 27.59
C ASP A 120 28.37 -40.23 26.80
N ASN A 121 28.93 -41.45 26.68
CA ASN A 121 28.33 -42.55 25.95
C ASN A 121 26.89 -42.79 26.43
N SER A 122 25.99 -42.99 25.47
CA SER A 122 24.63 -43.36 25.75
C SER A 122 24.57 -44.61 26.64
N ILE A 123 23.61 -44.63 27.56
CA ILE A 123 23.41 -45.79 28.42
C ILE A 123 22.48 -46.79 27.73
N LEU A 124 21.74 -46.32 26.73
CA LEU A 124 20.92 -47.18 25.89
C LEU A 124 21.73 -47.52 24.65
N LYS A 125 21.53 -48.74 24.15
CA LYS A 125 22.27 -49.26 23.02
C LYS A 125 21.93 -48.46 21.77
N GLU A 126 23.00 -47.98 21.10
CA GLU A 126 22.92 -47.28 19.84
C GLU A 126 22.76 -48.25 18.67
N VAL A 127 22.41 -47.68 17.50
CA VAL A 127 22.51 -48.30 16.19
C VAL A 127 23.29 -47.37 15.27
N ASN A 128 23.89 -47.91 14.21
CA ASN A 128 24.58 -47.09 13.22
C ASN A 128 23.55 -46.54 12.23
N VAL A 129 24.05 -45.63 11.37
CA VAL A 129 23.26 -44.90 10.39
C VAL A 129 22.40 -45.89 9.62
N GLU A 130 23.07 -46.90 9.05
CA GLU A 130 22.45 -47.77 8.07
C GLU A 130 21.21 -48.42 8.68
N ASN A 131 21.38 -49.00 9.89
CA ASN A 131 20.29 -49.67 10.57
C ASN A 131 19.17 -48.69 10.92
N TYR A 132 19.52 -47.48 11.39
CA TYR A 132 18.52 -46.46 11.68
C TYR A 132 17.74 -46.17 10.41
N LEU A 133 18.46 -45.91 9.31
CA LEU A 133 17.79 -45.59 8.06
C LEU A 133 16.80 -46.69 7.68
N LEU A 134 17.20 -47.97 7.77
CA LEU A 134 16.31 -49.06 7.39
C LEU A 134 15.13 -49.17 8.36
N GLU A 135 15.44 -49.21 9.67
CA GLU A 135 14.44 -49.48 10.69
C GLU A 135 13.49 -48.29 10.82
N CYS A 136 13.99 -47.11 10.44
CA CYS A 136 13.19 -45.92 10.28
C CYS A 136 12.29 -46.09 9.05
N ASN A 137 12.91 -46.26 7.88
CA ASN A 137 12.21 -46.36 6.62
C ASN A 137 11.09 -47.39 6.74
N ASN A 138 11.42 -48.52 7.34
CA ASN A 138 10.49 -49.59 7.61
C ASN A 138 9.20 -49.04 8.24
N ILE A 139 9.34 -48.26 9.33
CA ILE A 139 8.24 -47.74 10.14
C ILE A 139 7.39 -46.76 9.33
N ILE A 140 8.04 -45.97 8.47
CA ILE A 140 7.30 -45.06 7.61
C ILE A 140 6.41 -45.87 6.67
N VAL A 141 7.05 -46.67 5.80
CA VAL A 141 6.38 -47.41 4.74
C VAL A 141 5.20 -48.19 5.33
N LYS A 142 5.45 -48.87 6.46
CA LYS A 142 4.46 -49.70 7.11
C LYS A 142 3.28 -48.83 7.56
N ASN A 143 3.54 -47.57 7.87
CA ASN A 143 2.49 -46.71 8.39
C ASN A 143 1.55 -46.25 7.27
N ASP A 144 1.83 -46.68 6.02
CA ASP A 144 1.05 -46.25 4.86
C ASP A 144 -0.32 -46.92 4.83
N GLU A 145 -1.34 -46.07 4.64
CA GLU A 145 -2.76 -46.40 4.77
C GLU A 145 -3.55 -45.79 3.61
N SER A 161 -7.97 -32.77 9.94
CA SER A 161 -8.14 -31.97 11.18
C SER A 161 -7.01 -30.93 11.27
N TYR A 162 -7.03 -30.14 12.36
CA TYR A 162 -6.02 -29.12 12.61
C TYR A 162 -4.99 -29.61 13.63
N PHE A 163 -3.72 -29.20 13.45
CA PHE A 163 -2.67 -29.57 14.37
C PHE A 163 -1.89 -28.33 14.87
N TYR A 164 -1.63 -28.28 16.18
CA TYR A 164 -0.91 -27.16 16.78
C TYR A 164 0.39 -27.65 17.41
N ASN A 165 1.49 -27.13 16.89
CA ASN A 165 2.82 -27.68 17.06
C ASN A 165 3.69 -26.65 17.75
N LEU A 166 4.74 -27.14 18.43
CA LEU A 166 5.64 -26.33 19.22
C LEU A 166 6.82 -27.22 19.61
N THR A 167 8.05 -26.78 19.35
CA THR A 167 9.19 -27.51 19.85
C THR A 167 9.90 -26.74 20.98
N VAL A 168 10.69 -27.48 21.77
CA VAL A 168 11.39 -26.93 22.91
C VAL A 168 12.72 -27.65 23.03
N VAL A 169 13.76 -26.93 23.49
CA VAL A 169 14.99 -27.56 23.94
C VAL A 169 14.96 -27.62 25.46
N VAL A 170 15.27 -28.80 26.01
CA VAL A 170 15.35 -29.00 27.44
C VAL A 170 16.74 -29.46 27.82
N LYS A 171 17.38 -28.72 28.72
CA LYS A 171 18.55 -29.21 29.42
C LYS A 171 18.05 -30.07 30.55
N THR A 172 18.14 -31.39 30.36
CA THR A 172 17.38 -32.33 31.18
C THR A 172 18.31 -33.05 32.14
N PHE A 173 17.78 -33.33 33.33
CA PHE A 173 18.48 -34.14 34.31
C PHE A 173 18.03 -35.60 34.19
N VAL A 174 17.32 -35.94 33.10
CA VAL A 174 16.92 -37.32 32.92
C VAL A 174 18.03 -38.06 32.18
N ASN A 175 18.28 -39.32 32.58
CA ASN A 175 19.53 -39.99 32.26
C ASN A 175 19.54 -40.43 30.80
N ASP A 176 18.35 -40.82 30.31
CA ASP A 176 18.27 -41.48 29.03
C ASP A 176 16.90 -41.21 28.41
N PRO A 177 16.82 -41.27 27.07
CA PRO A 177 15.56 -41.07 26.35
C PRO A 177 14.39 -41.97 26.80
N LEU A 178 14.67 -43.22 27.17
CA LEU A 178 13.58 -44.14 27.51
C LEU A 178 12.91 -43.68 28.80
N SER A 179 13.72 -43.32 29.79
CA SER A 179 13.23 -42.77 31.04
C SER A 179 12.40 -41.51 30.76
N MET A 180 13.02 -40.60 29.99
CA MET A 180 12.40 -39.36 29.55
C MET A 180 11.01 -39.62 28.98
N LEU A 181 10.90 -40.64 28.10
CA LEU A 181 9.63 -41.06 27.53
C LEU A 181 8.66 -41.53 28.62
N VAL A 182 9.17 -42.29 29.59
CA VAL A 182 8.33 -42.75 30.69
C VAL A 182 7.64 -41.53 31.33
N VAL A 183 8.46 -40.56 31.75
CA VAL A 183 7.97 -39.35 32.37
C VAL A 183 7.00 -38.62 31.43
N ILE A 184 7.33 -38.58 30.12
CA ILE A 184 6.52 -37.92 29.12
C ILE A 184 5.13 -38.54 29.08
N LYS A 185 5.10 -39.88 29.22
CA LYS A 185 3.86 -40.63 29.20
C LYS A 185 3.05 -40.36 30.46
N TYR A 186 3.74 -40.22 31.61
CA TYR A 186 3.10 -39.74 32.83
C TYR A 186 2.37 -38.41 32.57
N ILE A 187 3.15 -37.40 32.14
CA ILE A 187 2.63 -36.08 31.85
C ILE A 187 1.43 -36.20 30.91
N GLU A 188 1.55 -37.06 29.88
CA GLU A 188 0.46 -37.21 28.92
C GLU A 188 -0.83 -37.68 29.61
N GLU A 189 -0.70 -38.67 30.50
CA GLU A 189 -1.82 -39.33 31.14
C GLU A 189 -2.42 -38.42 32.22
N LEU A 190 -1.56 -37.65 32.90
CA LEU A 190 -1.98 -36.63 33.84
C LEU A 190 -3.02 -35.69 33.24
N MET A 191 -2.78 -35.28 31.98
CA MET A 191 -3.58 -34.27 31.31
C MET A 191 -4.88 -34.91 30.82
N LYS A 192 -5.41 -35.84 31.65
CA LYS A 192 -6.41 -36.86 31.37
C LYS A 192 -6.65 -37.06 29.87
N ILE A 206 -5.14 -35.82 23.15
CA ILE A 206 -5.18 -34.47 23.80
C ILE A 206 -3.80 -33.81 23.78
N ILE A 207 -2.73 -34.61 23.85
CA ILE A 207 -1.37 -34.09 23.75
C ILE A 207 -0.46 -35.22 23.29
N ASP A 208 0.45 -34.92 22.36
CA ASP A 208 1.45 -35.88 21.89
C ASP A 208 2.84 -35.23 21.98
N ILE A 209 3.58 -35.59 23.04
CA ILE A 209 4.93 -35.08 23.26
C ILE A 209 5.92 -36.12 22.79
N ASP A 210 6.58 -35.85 21.66
CA ASP A 210 7.58 -36.79 21.16
C ASP A 210 8.97 -36.29 21.54
N ILE A 211 9.95 -37.20 21.59
CA ILE A 211 11.35 -36.82 21.74
C ILE A 211 11.95 -36.74 20.35
N LEU A 212 12.34 -35.53 19.94
CA LEU A 212 13.01 -35.39 18.65
C LEU A 212 14.47 -35.78 18.81
N PHE A 213 15.19 -35.17 19.74
CA PHE A 213 16.58 -35.54 19.90
C PHE A 213 16.90 -35.78 21.37
N PHE A 214 18.07 -36.36 21.57
CA PHE A 214 18.61 -36.61 22.90
C PHE A 214 20.13 -36.74 22.79
N ASN A 215 20.84 -35.60 22.77
CA ASN A 215 22.26 -35.55 22.47
C ASN A 215 22.46 -36.04 21.04
N ASP A 216 23.66 -36.57 20.77
CA ASP A 216 24.01 -36.99 19.42
C ASP A 216 23.62 -38.46 19.18
N PHE A 217 22.80 -39.03 20.07
CA PHE A 217 22.47 -40.45 20.08
C PHE A 217 21.60 -40.85 18.89
N THR A 218 21.84 -42.09 18.41
CA THR A 218 21.03 -42.77 17.42
C THR A 218 20.58 -44.11 18.00
N ILE A 219 19.27 -44.31 18.12
CA ILE A 219 18.71 -45.39 18.92
C ILE A 219 17.46 -45.92 18.22
N PHE A 220 17.46 -47.22 17.89
CA PHE A 220 16.23 -47.91 17.50
C PHE A 220 16.07 -49.17 18.32
N MET A 221 15.38 -49.05 19.46
CA MET A 221 15.13 -50.21 20.30
C MET A 221 13.77 -50.75 19.92
N LYS A 222 13.76 -52.02 19.50
CA LYS A 222 12.81 -52.53 18.53
C LYS A 222 11.52 -53.00 19.21
N ASN A 223 11.64 -53.52 20.44
CA ASN A 223 10.50 -54.00 21.19
C ASN A 223 10.74 -53.69 22.65
N ILE A 224 9.75 -53.06 23.28
CA ILE A 224 9.98 -52.55 24.61
C ILE A 224 8.92 -53.15 25.52
N LYS A 225 9.39 -54.02 26.40
CA LYS A 225 8.59 -54.54 27.49
C LYS A 225 9.13 -53.92 28.78
N LEU A 226 8.26 -53.15 29.43
CA LEU A 226 8.63 -52.50 30.66
C LEU A 226 7.71 -52.98 31.79
N GLU A 227 8.31 -53.65 32.78
CA GLU A 227 7.59 -54.18 33.93
C GLU A 227 6.85 -53.06 34.64
N LYS A 228 5.67 -53.39 35.19
CA LYS A 228 4.74 -52.45 35.81
C LYS A 228 5.37 -51.67 36.96
N ASN A 229 6.41 -52.23 37.61
CA ASN A 229 7.02 -51.62 38.78
C ASN A 229 8.36 -50.97 38.43
N MET A 230 8.90 -51.28 37.25
CA MET A 230 10.04 -50.55 36.69
C MET A 230 9.58 -49.15 36.29
N ILE A 231 8.34 -49.06 35.77
CA ILE A 231 7.74 -47.81 35.35
C ILE A 231 7.50 -46.95 36.59
N TYR A 232 6.91 -47.55 37.62
CA TYR A 232 6.83 -46.90 38.91
C TYR A 232 8.25 -46.57 39.38
N LYS A 233 9.21 -47.49 39.19
CA LYS A 233 10.50 -47.27 39.80
C LYS A 233 11.18 -46.04 39.18
N ILE A 234 11.07 -45.92 37.85
CA ILE A 234 11.66 -44.83 37.07
C ILE A 234 11.11 -43.48 37.50
N LEU A 235 9.78 -43.31 37.42
CA LEU A 235 9.08 -42.10 37.81
C LEU A 235 9.53 -41.62 39.19
N SER A 236 9.58 -42.54 40.17
CA SER A 236 9.94 -42.26 41.55
C SER A 236 11.35 -41.68 41.64
N LYS A 237 12.22 -42.06 40.70
CA LYS A 237 13.57 -41.53 40.65
C LYS A 237 13.55 -40.02 40.40
N TYR A 238 12.46 -39.50 39.84
CA TYR A 238 12.42 -38.13 39.35
C TYR A 238 11.20 -37.37 39.86
N ILE A 239 10.28 -38.06 40.56
CA ILE A 239 9.05 -37.49 41.08
C ILE A 239 8.76 -38.01 42.49
N HIS A 240 8.30 -37.12 43.37
CA HIS A 240 7.89 -37.46 44.73
C HIS A 240 6.49 -38.07 44.70
N LEU A 241 6.38 -39.29 44.14
CA LEU A 241 5.12 -39.98 43.96
C LEU A 241 4.43 -40.12 45.32
N GLU A 242 3.11 -39.87 45.35
CA GLU A 242 2.36 -39.72 46.59
C GLU A 242 2.15 -41.07 47.27
N ARG A 243 3.21 -41.90 47.29
CA ARG A 243 3.24 -43.16 48.01
C ARG A 243 4.24 -43.06 49.17
N PHE A 299 -3.02 -38.69 39.75
CA PHE A 299 -3.46 -37.37 40.27
C PHE A 299 -3.29 -37.34 41.79
N ARG A 300 -4.40 -37.60 42.50
CA ARG A 300 -4.43 -38.06 43.88
C ARG A 300 -3.65 -39.38 43.97
N ASP A 301 -4.04 -40.32 43.11
CA ASP A 301 -3.60 -41.71 43.13
C ASP A 301 -2.81 -42.02 41.85
N PRO A 302 -1.50 -42.34 41.97
CA PRO A 302 -0.68 -42.71 40.81
C PRO A 302 -0.80 -44.18 40.35
N GLN A 303 -1.49 -45.00 41.17
CA GLN A 303 -1.65 -46.42 40.92
C GLN A 303 -2.32 -46.65 39.55
N GLU A 304 -3.37 -45.90 39.25
CA GLU A 304 -4.21 -46.22 38.10
C GLU A 304 -3.78 -45.43 36.85
N ILE A 305 -2.60 -44.78 36.92
CA ILE A 305 -1.99 -44.14 35.76
C ILE A 305 -0.99 -45.11 35.15
N ILE A 306 -0.20 -45.77 36.01
CA ILE A 306 0.87 -46.67 35.61
C ILE A 306 0.36 -47.69 34.60
N ASN A 307 -0.75 -48.34 34.94
CA ASN A 307 -1.23 -49.49 34.20
C ASN A 307 -1.56 -49.10 32.76
N ASN A 308 -1.73 -47.79 32.53
CA ASN A 308 -1.98 -47.23 31.20
C ASN A 308 -0.68 -47.21 30.38
N MET A 309 0.38 -46.67 31.01
CA MET A 309 1.67 -46.48 30.37
C MET A 309 2.33 -47.81 30.04
N VAL A 310 1.80 -48.89 30.65
CA VAL A 310 2.31 -50.24 30.54
C VAL A 310 2.52 -50.61 29.06
N ASP A 311 1.55 -50.24 28.22
CA ASP A 311 1.53 -50.68 26.83
C ASP A 311 1.90 -49.55 25.87
N ASN A 312 2.10 -48.33 26.39
CA ASN A 312 2.15 -47.14 25.55
C ASN A 312 3.54 -46.97 24.91
N ILE A 313 4.59 -47.59 25.48
CA ILE A 313 5.93 -47.57 24.91
C ILE A 313 6.19 -48.90 24.22
N GLU A 314 6.14 -48.90 22.88
CA GLU A 314 6.34 -50.12 22.11
C GLU A 314 7.81 -50.21 21.71
N PHE A 315 8.32 -49.18 21.02
CA PHE A 315 9.72 -49.03 20.67
C PHE A 315 10.23 -47.64 21.10
N LEU A 316 11.46 -47.30 20.67
CA LEU A 316 12.05 -45.98 20.89
C LEU A 316 13.03 -45.68 19.77
N SER A 317 12.68 -44.68 18.96
CA SER A 317 13.52 -44.15 17.89
C SER A 317 14.04 -42.76 18.27
N ILE A 318 15.37 -42.59 18.30
CA ILE A 318 16.01 -41.29 18.37
C ILE A 318 17.02 -41.21 17.24
N PRO A 319 16.94 -40.23 16.30
CA PRO A 319 15.85 -39.25 16.22
C PRO A 319 14.46 -39.86 16.00
N HIS A 320 13.42 -39.09 16.31
CA HIS A 320 12.06 -39.54 16.09
C HIS A 320 11.86 -39.81 14.60
N VAL A 321 10.98 -40.77 14.29
CA VAL A 321 10.91 -41.34 12.94
C VAL A 321 10.68 -40.20 11.95
N TYR A 322 9.73 -39.31 12.30
CA TYR A 322 9.18 -38.35 11.37
C TYR A 322 9.98 -37.04 11.27
N THR A 323 11.06 -36.92 12.04
CA THR A 323 11.82 -35.68 12.18
C THR A 323 12.08 -34.99 10.83
N THR A 324 12.35 -35.79 9.80
CA THR A 324 12.87 -35.22 8.58
C THR A 324 11.81 -35.32 7.48
N HIS A 325 10.58 -35.67 7.89
CA HIS A 325 9.55 -36.11 6.96
C HIS A 325 8.25 -35.32 7.17
N ARG A 326 8.01 -34.82 8.40
CA ARG A 326 6.87 -33.95 8.68
C ARG A 326 7.28 -32.49 8.55
N TYR A 327 6.49 -31.66 7.83
CA TYR A 327 6.87 -30.28 7.58
C TYR A 327 6.88 -29.52 8.91
N SER A 328 5.79 -29.72 9.67
CA SER A 328 5.52 -29.05 10.92
C SER A 328 6.65 -29.27 11.91
N ILE A 329 7.44 -30.33 11.71
CA ILE A 329 8.54 -30.53 12.64
C ILE A 329 9.71 -29.64 12.23
N LEU A 330 10.02 -29.63 10.93
CA LEU A 330 11.19 -28.92 10.47
C LEU A 330 10.96 -27.42 10.58
N LEU A 331 9.69 -27.02 10.51
CA LEU A 331 9.26 -25.64 10.60
C LEU A 331 9.66 -25.06 11.97
N CYS A 332 9.16 -25.69 13.04
CA CYS A 332 9.57 -25.52 14.43
C CYS A 332 11.09 -25.56 14.63
N LEU A 333 11.75 -26.64 14.24
CA LEU A 333 13.17 -26.77 14.51
C LEU A 333 13.96 -25.66 13.82
N ASN A 334 13.39 -25.07 12.76
CA ASN A 334 14.10 -24.05 11.98
C ASN A 334 14.20 -22.75 12.78
N ASP A 335 13.15 -22.50 13.59
CA ASP A 335 13.12 -21.43 14.56
C ASP A 335 14.29 -21.54 15.56
N MET A 336 14.55 -22.74 16.12
CA MET A 336 15.40 -22.86 17.29
C MET A 336 16.83 -23.22 16.90
N ILE A 337 17.01 -24.24 16.05
CA ILE A 337 18.35 -24.77 15.85
C ILE A 337 18.64 -24.92 14.36
N PRO A 338 18.64 -23.82 13.58
CA PRO A 338 18.86 -23.93 12.13
C PRO A 338 20.21 -24.51 11.66
N GLU A 339 21.27 -24.39 12.47
CA GLU A 339 22.58 -24.83 12.00
C GLU A 339 22.91 -26.25 12.47
N TYR A 340 21.94 -26.96 13.07
CA TYR A 340 22.22 -28.22 13.75
C TYR A 340 22.18 -29.38 12.75
N LYS A 341 23.27 -30.20 12.72
CA LYS A 341 23.40 -31.37 11.87
C LYS A 341 23.67 -32.64 12.69
N HIS A 342 22.61 -33.41 12.97
CA HIS A 342 22.67 -34.75 13.54
C HIS A 342 23.27 -35.71 12.51
N ASN A 343 23.80 -36.83 13.00
CA ASN A 343 24.58 -37.82 12.25
C ASN A 343 23.77 -38.52 11.16
N VAL A 344 22.45 -38.50 11.32
CA VAL A 344 21.54 -39.37 10.59
C VAL A 344 20.74 -38.52 9.61
N LEU A 345 21.30 -37.35 9.28
CA LEU A 345 20.65 -36.33 8.46
C LEU A 345 21.59 -35.90 7.33
N ASN A 346 21.04 -35.73 6.10
CA ASN A 346 21.80 -35.31 4.93
C ASN A 346 22.42 -33.94 5.21
N ASN A 347 21.63 -33.05 5.82
CA ASN A 347 22.07 -31.69 6.01
C ASN A 347 21.49 -31.07 7.29
N THR A 348 21.85 -29.80 7.52
CA THR A 348 21.38 -28.99 8.64
C THR A 348 19.88 -28.81 8.54
N ILE A 349 19.26 -28.50 9.69
CA ILE A 349 17.84 -28.22 9.81
C ILE A 349 17.45 -27.19 8.75
N ARG A 350 18.22 -26.09 8.65
CA ARG A 350 17.94 -25.02 7.71
C ARG A 350 17.82 -25.60 6.31
N CYS A 351 18.88 -26.26 5.84
CA CYS A 351 18.91 -26.80 4.48
C CYS A 351 17.75 -27.77 4.29
N LEU A 352 17.65 -28.76 5.19
CA LEU A 352 16.50 -29.64 5.17
C LEU A 352 15.20 -28.85 5.05
N TYR A 353 15.04 -27.77 5.84
CA TYR A 353 13.81 -26.97 5.86
C TYR A 353 13.60 -26.32 4.50
N ASN A 354 14.65 -25.67 3.98
CA ASN A 354 14.62 -24.92 2.74
C ASN A 354 14.27 -25.85 1.58
N LYS A 355 15.00 -26.98 1.51
CA LYS A 355 14.83 -28.00 0.48
C LYS A 355 13.38 -28.47 0.43
N TYR A 356 12.76 -28.69 1.59
CA TYR A 356 11.39 -29.16 1.64
C TYR A 356 10.41 -28.07 1.20
N VAL A 357 10.83 -26.79 1.26
CA VAL A 357 9.92 -25.70 0.93
C VAL A 357 9.91 -25.46 -0.58
N SER A 358 11.12 -25.40 -1.17
CA SER A 358 11.28 -25.12 -2.59
C SER A 358 10.85 -26.33 -3.40
N ARG A 359 11.17 -27.52 -2.90
CA ARG A 359 10.78 -28.79 -3.49
C ARG A 359 9.26 -28.90 -3.55
N MET A 360 8.55 -28.37 -2.54
CA MET A 360 7.09 -28.43 -2.52
C MET A 360 6.50 -27.68 -3.72
N LYS A 361 7.19 -26.63 -4.18
CA LYS A 361 6.68 -25.82 -5.27
C LYS A 361 6.82 -26.58 -6.59
N GLU A 362 7.84 -27.43 -6.68
CA GLU A 362 8.10 -28.19 -7.89
C GLU A 362 7.15 -29.38 -7.97
N GLN A 363 7.09 -30.19 -6.90
CA GLN A 363 6.34 -31.44 -6.97
C GLN A 363 4.84 -31.17 -7.15
N TYR A 364 4.33 -30.08 -6.54
CA TYR A 364 2.88 -29.92 -6.47
C TYR A 364 2.43 -28.48 -6.73
N ASN A 365 3.40 -27.56 -6.92
CA ASN A 365 3.15 -26.12 -7.00
C ASN A 365 2.29 -25.70 -5.79
N ILE A 366 2.89 -25.71 -4.59
CA ILE A 366 2.07 -25.68 -3.39
C ILE A 366 2.29 -24.43 -2.56
N ASN A 367 3.55 -23.96 -2.44
CA ASN A 367 3.92 -22.85 -1.56
C ASN A 367 3.35 -23.09 -0.15
N ILE A 368 4.07 -23.91 0.63
CA ILE A 368 3.59 -24.63 1.80
C ILE A 368 3.35 -23.68 2.98
N LYS A 369 3.97 -22.50 2.96
CA LYS A 369 3.79 -21.56 4.05
C LYS A 369 2.31 -21.26 4.28
N GLU A 370 1.48 -21.46 3.25
CA GLU A 370 0.09 -21.00 3.26
C GLU A 370 -0.76 -21.86 4.21
N ASN A 371 -0.47 -23.16 4.20
CA ASN A 371 -1.15 -24.10 5.10
C ASN A 371 -0.71 -23.87 6.54
N ASN A 372 0.59 -23.61 6.74
CA ASN A 372 1.25 -23.70 8.03
C ASN A 372 1.57 -22.32 8.59
N LYS A 373 0.70 -21.83 9.49
CA LYS A 373 0.73 -20.45 9.91
C LYS A 373 1.49 -20.27 11.23
N ARG A 374 2.41 -19.29 11.26
CA ARG A 374 3.05 -18.89 12.50
C ARG A 374 2.08 -18.22 13.46
N ILE A 375 2.21 -18.56 14.74
CA ILE A 375 1.33 -18.00 15.77
C ILE A 375 2.15 -17.26 16.83
N TYR A 376 1.56 -16.19 17.38
CA TYR A 376 2.01 -15.54 18.59
C TYR A 376 0.84 -15.43 19.56
N VAL A 377 1.14 -15.21 20.86
CA VAL A 377 0.11 -15.19 21.87
C VAL A 377 0.23 -13.92 22.69
N LEU A 378 -0.88 -13.19 22.83
CA LEU A 378 -0.86 -11.96 23.61
C LEU A 378 -1.29 -12.24 25.05
N LYS A 379 -2.32 -13.07 25.22
CA LYS A 379 -2.78 -13.46 26.53
C LYS A 379 -2.94 -14.97 26.56
N ASP A 380 -4.09 -15.47 26.07
CA ASP A 380 -4.34 -16.91 26.17
C ASP A 380 -4.94 -17.53 24.90
N ARG A 381 -5.09 -16.75 23.83
CA ARG A 381 -5.63 -17.26 22.58
C ARG A 381 -4.59 -17.15 21.46
N ILE A 382 -4.83 -17.89 20.37
CA ILE A 382 -4.02 -17.89 19.16
C ILE A 382 -4.17 -16.53 18.49
N SER A 383 -3.05 -15.95 18.03
CA SER A 383 -3.07 -14.92 16.99
C SER A 383 -2.23 -15.42 15.83
N TYR A 384 -2.70 -15.23 14.58
CA TYR A 384 -1.91 -15.59 13.43
C TYR A 384 -1.04 -14.38 13.05
N LEU A 385 0.27 -14.60 13.03
CA LEU A 385 1.23 -13.56 12.69
C LEU A 385 0.83 -12.93 11.36
N LYS A 386 0.92 -11.59 11.30
CA LYS A 386 0.68 -10.83 10.09
C LYS A 386 -0.77 -10.87 9.60
N GLU A 387 -1.75 -11.34 10.40
CA GLU A 387 -3.13 -11.48 9.91
C GLU A 387 -4.10 -10.40 10.41
N LYS A 388 -3.70 -9.56 11.36
CA LYS A 388 -4.52 -8.41 11.75
C LYS A 388 -3.67 -7.35 12.45
N THR A 389 -3.91 -6.08 12.16
CA THR A 389 -3.35 -4.97 12.89
C THR A 389 -4.21 -4.64 14.10
N ASN A 390 -3.78 -5.10 15.28
CA ASN A 390 -4.48 -4.82 16.52
C ASN A 390 -4.18 -3.41 16.99
N ILE A 391 -5.18 -2.76 17.57
CA ILE A 391 -4.99 -1.44 18.14
C ILE A 391 -4.68 -1.61 19.62
N VAL A 392 -3.71 -0.83 20.11
CA VAL A 392 -3.37 -0.83 21.52
C VAL A 392 -3.62 0.58 22.03
N GLY A 393 -4.64 0.78 22.84
CA GLY A 393 -4.91 2.17 23.24
C GLY A 393 -4.07 2.56 24.46
N ILE A 394 -3.59 3.80 24.43
CA ILE A 394 -2.71 4.28 25.50
C ILE A 394 -3.51 4.92 26.64
N LEU A 395 -3.23 4.50 27.86
CA LEU A 395 -3.68 5.20 29.04
C LEU A 395 -2.45 5.71 29.80
N ASN A 396 -2.07 6.96 29.53
CA ASN A 396 -1.10 7.70 30.32
C ASN A 396 -1.79 8.23 31.57
N VAL A 397 -1.62 7.52 32.70
CA VAL A 397 -2.17 7.97 33.97
C VAL A 397 -1.31 9.10 34.52
N ASN A 398 -1.80 10.34 34.38
CA ASN A 398 -1.06 11.51 34.83
C ASN A 398 -2.00 12.71 34.95
N VAL A 409 -4.60 12.07 36.69
CA VAL A 409 -5.87 11.39 36.31
C VAL A 409 -6.31 10.47 37.47
N GLU A 410 -7.59 10.62 37.87
CA GLU A 410 -8.17 10.02 39.05
C GLU A 410 -8.75 8.64 38.72
N PRO A 411 -8.55 7.60 39.56
CA PRO A 411 -8.92 6.24 39.17
C PRO A 411 -10.22 6.14 38.37
N LYS A 412 -11.31 6.67 38.92
CA LYS A 412 -12.64 6.53 38.31
C LYS A 412 -12.63 7.07 36.89
N ARG A 413 -12.05 8.26 36.73
CA ARG A 413 -11.82 8.89 35.44
C ARG A 413 -11.02 7.95 34.53
N ALA A 414 -9.82 7.53 35.00
CA ALA A 414 -8.92 6.68 34.24
C ALA A 414 -9.65 5.45 33.74
N VAL A 415 -10.50 4.86 34.60
CA VAL A 415 -11.25 3.66 34.25
C VAL A 415 -12.37 3.99 33.27
N GLN A 416 -12.93 5.20 33.29
CA GLN A 416 -13.92 5.51 32.28
C GLN A 416 -13.24 5.42 30.92
N ARG A 417 -12.05 6.03 30.85
CA ARG A 417 -11.25 6.11 29.64
C ARG A 417 -10.98 4.69 29.13
N MET A 418 -10.71 3.77 30.07
CA MET A 418 -10.44 2.40 29.66
C MET A 418 -11.67 1.80 28.98
N PHE A 419 -12.85 2.18 29.47
CA PHE A 419 -14.11 1.65 28.96
C PHE A 419 -14.43 2.30 27.61
N GLU A 420 -14.26 3.62 27.54
CA GLU A 420 -14.35 4.33 26.28
C GLU A 420 -13.52 3.58 25.23
N MET A 421 -12.31 3.13 25.63
CA MET A 421 -11.33 2.63 24.67
C MET A 421 -11.73 1.25 24.16
N ILE A 422 -12.18 0.37 25.07
CA ILE A 422 -12.69 -0.93 24.68
C ILE A 422 -13.75 -0.76 23.61
N ASN A 423 -14.68 0.19 23.82
CA ASN A 423 -15.84 0.32 22.98
C ASN A 423 -15.45 0.96 21.67
N GLU A 424 -14.41 1.81 21.73
CA GLU A 424 -13.92 2.42 20.52
C GLU A 424 -13.12 1.40 19.69
N GLY A 425 -12.87 0.20 20.23
CA GLY A 425 -12.29 -0.89 19.42
C GLY A 425 -10.84 -1.28 19.72
N ALA A 426 -10.30 -0.90 20.89
CA ALA A 426 -8.97 -1.32 21.28
C ALA A 426 -8.96 -2.79 21.69
N SER A 427 -8.08 -3.62 21.11
CA SER A 427 -7.82 -4.98 21.60
C SER A 427 -7.05 -4.99 22.92
N VAL A 428 -6.17 -4.00 23.11
CA VAL A 428 -5.23 -3.99 24.21
C VAL A 428 -5.29 -2.59 24.83
N ILE A 429 -5.26 -2.52 26.17
CA ILE A 429 -4.94 -1.24 26.82
C ILE A 429 -3.52 -1.34 27.35
N ASP A 430 -2.74 -0.29 27.13
CA ASP A 430 -1.38 -0.13 27.63
C ASP A 430 -1.43 1.05 28.60
N ILE A 431 -1.38 0.74 29.90
CA ILE A 431 -1.32 1.71 30.99
C ILE A 431 0.12 1.91 31.46
N GLY A 432 0.46 3.17 31.70
CA GLY A 432 1.77 3.60 32.16
C GLY A 432 1.62 4.83 33.05
N GLY A 433 2.42 4.87 34.12
CA GLY A 433 2.46 6.01 35.02
C GLY A 433 3.83 6.65 35.05
N GLU A 434 4.71 6.25 34.12
CA GLU A 434 6.03 6.82 34.06
C GLU A 434 6.22 7.39 32.66
N SER A 435 6.39 8.70 32.55
CA SER A 435 6.42 9.30 31.23
C SER A 435 7.80 9.13 30.62
N PHE A 436 7.86 8.49 29.44
CA PHE A 436 9.14 8.13 28.85
C PHE A 436 9.46 9.03 27.65
N GLY A 437 8.56 9.99 27.37
CA GLY A 437 8.70 10.95 26.27
C GLY A 437 9.83 11.95 26.52
N PRO A 438 10.25 12.75 25.50
CA PRO A 438 11.44 13.59 25.62
C PRO A 438 11.34 14.78 26.57
N PHE A 439 12.37 14.91 27.42
CA PHE A 439 12.63 16.02 28.34
C PHE A 439 11.49 16.22 29.34
N VAL A 440 10.56 15.26 29.39
CA VAL A 440 9.39 15.34 30.26
C VAL A 440 9.83 15.56 31.71
N ILE A 441 8.96 16.26 32.46
CA ILE A 441 9.33 16.87 33.74
C ILE A 441 9.29 15.85 34.88
N PRO A 442 10.34 15.78 35.74
CA PRO A 442 10.26 15.00 36.99
C PRO A 442 9.48 15.72 38.09
N ASN A 443 8.49 15.02 38.70
CA ASN A 443 7.66 15.61 39.75
C ASN A 443 7.48 14.63 40.90
N PRO A 444 8.09 14.87 42.10
CA PRO A 444 8.14 13.86 43.16
C PRO A 444 6.82 13.46 43.82
N LYS A 445 5.71 14.06 43.38
CA LYS A 445 4.47 14.02 44.15
C LYS A 445 3.86 12.62 44.23
N ILE A 446 3.89 11.86 43.13
CA ILE A 446 3.20 10.58 43.18
C ILE A 446 3.99 9.48 42.43
N SER A 447 4.08 8.30 43.06
CA SER A 447 4.86 7.15 42.57
C SER A 447 4.13 6.42 41.45
N GLU A 448 4.94 5.84 40.54
CA GLU A 448 4.45 4.94 39.51
C GLU A 448 3.48 3.93 40.11
N ARG A 449 3.82 3.27 41.22
CA ARG A 449 2.84 2.32 41.74
C ARG A 449 1.52 3.06 41.98
N ASP A 450 1.60 4.24 42.58
CA ASP A 450 0.43 4.81 43.23
C ASP A 450 -0.52 5.28 42.14
N LEU A 451 0.07 5.71 41.00
CA LEU A 451 -0.67 6.07 39.80
C LEU A 451 -1.35 4.86 39.14
N VAL A 452 -0.62 3.74 38.94
CA VAL A 452 -1.14 2.73 38.02
C VAL A 452 -1.87 1.63 38.77
N VAL A 453 -1.37 1.19 39.92
CA VAL A 453 -1.96 0.00 40.52
C VAL A 453 -3.44 0.20 40.90
N PRO A 454 -3.82 1.31 41.61
CA PRO A 454 -5.21 1.53 41.97
C PRO A 454 -6.12 1.48 40.74
N VAL A 455 -5.71 2.21 39.68
CA VAL A 455 -6.46 2.23 38.43
C VAL A 455 -6.77 0.81 37.96
N LEU A 456 -5.75 -0.06 37.94
CA LEU A 456 -5.94 -1.39 37.41
C LEU A 456 -6.85 -2.17 38.34
N GLN A 457 -6.91 -1.73 39.60
CA GLN A 457 -7.68 -2.49 40.57
C GLN A 457 -9.15 -2.12 40.41
N LEU A 458 -9.40 -0.83 40.19
CA LEU A 458 -10.76 -0.38 39.93
C LEU A 458 -11.24 -1.03 38.63
N PHE A 459 -10.40 -0.97 37.57
CA PHE A 459 -10.76 -1.62 36.33
C PHE A 459 -11.23 -3.05 36.57
N GLN A 460 -10.41 -3.85 37.29
CA GLN A 460 -10.67 -5.26 37.43
C GLN A 460 -11.95 -5.45 38.24
N LYS A 461 -12.24 -4.49 39.14
CA LYS A 461 -13.43 -4.56 39.96
C LYS A 461 -14.64 -4.37 39.05
N GLU A 462 -14.74 -3.18 38.43
CA GLU A 462 -15.87 -2.82 37.57
C GLU A 462 -16.10 -3.80 36.42
N TRP A 463 -15.04 -4.42 35.88
CA TRP A 463 -15.18 -5.45 34.87
C TRP A 463 -15.90 -6.67 35.44
N ASN A 464 -15.49 -7.09 36.64
CA ASN A 464 -15.97 -8.32 37.28
C ASN A 464 -17.47 -8.26 37.59
N ASP A 465 -18.04 -7.05 37.65
CA ASP A 465 -19.50 -6.93 37.71
C ASP A 465 -20.09 -7.47 36.41
N ILE A 466 -20.25 -8.81 36.39
CA ILE A 466 -20.52 -9.65 35.23
C ILE A 466 -21.95 -10.20 35.32
N LYS A 467 -22.79 -9.49 36.10
CA LYS A 467 -24.24 -9.59 36.07
C LYS A 467 -24.71 -9.28 34.64
N ASN A 468 -24.06 -8.29 34.01
CA ASN A 468 -24.19 -8.02 32.58
C ASN A 468 -23.81 -9.28 31.80
N LYS A 469 -24.02 -9.27 30.48
CA LYS A 469 -23.87 -10.49 29.70
C LYS A 469 -22.54 -11.16 30.02
N ILE A 470 -22.63 -12.47 30.31
CA ILE A 470 -21.52 -13.31 30.75
C ILE A 470 -20.74 -13.80 29.52
N VAL A 471 -21.37 -13.63 28.34
CA VAL A 471 -20.78 -13.96 27.05
C VAL A 471 -19.81 -12.84 26.62
N LYS A 472 -20.07 -11.61 27.09
CA LYS A 472 -19.18 -10.48 26.92
C LYS A 472 -18.16 -10.49 28.05
N CYS A 473 -17.39 -11.58 28.13
CA CYS A 473 -16.16 -11.66 28.92
C CYS A 473 -15.02 -12.28 28.09
N ASP A 474 -15.33 -12.57 26.81
CA ASP A 474 -14.34 -12.70 25.74
C ASP A 474 -14.25 -11.38 24.96
N ALA A 475 -14.83 -10.32 25.54
CA ALA A 475 -14.69 -8.95 25.10
C ALA A 475 -13.56 -8.29 25.87
N LYS A 476 -13.15 -8.93 26.98
CA LYS A 476 -12.19 -8.36 27.91
C LYS A 476 -10.92 -7.96 27.17
N PRO A 477 -10.43 -6.72 27.33
CA PRO A 477 -9.21 -6.29 26.66
C PRO A 477 -8.07 -7.00 27.37
N ILE A 478 -7.07 -7.37 26.58
CA ILE A 478 -5.73 -7.61 27.04
C ILE A 478 -5.17 -6.32 27.65
N ILE A 479 -4.55 -6.47 28.84
CA ILE A 479 -3.97 -5.35 29.56
C ILE A 479 -2.45 -5.45 29.53
N SER A 480 -1.84 -4.33 29.15
CA SER A 480 -0.41 -4.22 29.02
C SER A 480 0.06 -3.14 30.00
N ILE A 481 1.16 -3.35 30.74
CA ILE A 481 1.67 -2.26 31.59
C ILE A 481 3.01 -1.78 31.08
N ASP A 482 3.09 -0.48 30.78
CA ASP A 482 4.30 0.13 30.30
C ASP A 482 5.23 0.42 31.50
N THR A 483 6.11 -0.52 31.85
CA THR A 483 6.98 -0.29 32.97
C THR A 483 8.33 -0.96 32.78
N ILE A 484 9.34 -0.40 33.46
CA ILE A 484 10.64 -1.04 33.63
C ILE A 484 10.84 -1.40 35.09
N ASN A 485 9.88 -1.06 35.94
CA ASN A 485 10.04 -1.13 37.37
C ASN A 485 9.57 -2.50 37.85
N TYR A 486 10.50 -3.37 38.23
CA TYR A 486 10.24 -4.68 38.82
C TYR A 486 9.13 -4.63 39.89
N ASN A 487 9.19 -3.65 40.80
CA ASN A 487 8.29 -3.66 41.95
C ASN A 487 6.85 -3.48 41.45
N VAL A 488 6.64 -2.57 40.49
CA VAL A 488 5.31 -2.31 39.93
C VAL A 488 4.76 -3.58 39.25
N PHE A 489 5.60 -4.28 38.48
CA PHE A 489 5.15 -5.44 37.71
C PHE A 489 4.81 -6.63 38.61
N LYS A 490 5.61 -6.84 39.67
CA LYS A 490 5.39 -7.85 40.69
C LYS A 490 4.03 -7.67 41.36
N GLU A 491 3.71 -6.43 41.72
CA GLU A 491 2.41 -6.24 42.34
C GLU A 491 1.28 -6.56 41.36
N CYS A 492 1.42 -6.07 40.11
CA CYS A 492 0.46 -6.28 39.04
C CYS A 492 0.20 -7.76 38.79
N VAL A 493 1.26 -8.57 38.79
CA VAL A 493 1.20 -9.96 38.43
C VAL A 493 0.70 -10.79 39.62
N ASP A 494 1.10 -10.39 40.83
CA ASP A 494 0.63 -11.04 42.04
C ASP A 494 -0.89 -10.91 42.16
N ASN A 495 -1.44 -9.77 41.72
CA ASN A 495 -2.85 -9.45 41.88
C ASN A 495 -3.65 -9.58 40.58
N ASP A 496 -3.14 -10.39 39.64
CA ASP A 496 -3.74 -10.70 38.34
C ASP A 496 -4.34 -9.46 37.65
N LEU A 497 -3.57 -8.36 37.54
CA LEU A 497 -4.11 -7.13 37.01
C LEU A 497 -3.70 -6.87 35.54
N VAL A 498 -2.73 -7.63 35.00
CA VAL A 498 -2.21 -7.30 33.67
C VAL A 498 -1.91 -8.59 32.92
N ASP A 499 -1.67 -8.48 31.61
CA ASP A 499 -1.38 -9.66 30.82
C ASP A 499 0.02 -9.55 30.21
N ILE A 500 0.45 -8.33 29.91
CA ILE A 500 1.65 -8.14 29.10
C ILE A 500 2.54 -7.13 29.81
N LEU A 501 3.86 -7.36 29.71
CA LEU A 501 4.85 -6.37 30.10
C LEU A 501 5.36 -5.59 28.88
N ASN A 502 5.08 -4.29 28.86
CA ASN A 502 5.68 -3.39 27.87
C ASN A 502 6.91 -2.77 28.53
N ASP A 503 8.07 -3.43 28.32
CA ASP A 503 9.36 -3.00 28.87
C ASP A 503 10.15 -2.25 27.81
N ILE A 504 10.15 -0.93 27.89
CA ILE A 504 10.83 -0.15 26.89
C ILE A 504 12.36 -0.24 27.00
N SER A 505 12.88 -0.92 28.04
CA SER A 505 14.33 -1.14 28.04
C SER A 505 14.67 -2.53 27.48
N ALA A 506 13.65 -3.22 26.97
CA ALA A 506 13.82 -4.56 26.45
C ALA A 506 14.40 -5.43 27.55
N CYS A 507 13.94 -5.14 28.78
CA CYS A 507 14.26 -5.91 29.96
C CYS A 507 15.76 -5.78 30.34
N THR A 508 16.43 -4.72 29.86
CA THR A 508 17.84 -4.55 30.17
C THR A 508 18.05 -3.75 31.47
N ASN A 509 17.07 -2.95 31.85
CA ASN A 509 17.24 -2.08 32.99
C ASN A 509 17.29 -2.91 34.27
N ASN A 510 16.41 -3.90 34.38
CA ASN A 510 16.42 -4.85 35.48
C ASN A 510 15.98 -6.22 34.97
N PRO A 511 16.93 -7.09 34.58
CA PRO A 511 16.62 -8.36 33.92
C PRO A 511 15.93 -9.32 34.89
N GLU A 512 16.02 -9.03 36.19
CA GLU A 512 15.29 -9.83 37.15
C GLU A 512 13.81 -9.86 36.74
N ILE A 513 13.36 -8.86 35.96
CA ILE A 513 11.95 -8.77 35.63
C ILE A 513 11.52 -9.98 34.81
N ILE A 514 12.49 -10.57 34.06
CA ILE A 514 12.24 -11.74 33.24
C ILE A 514 11.74 -12.90 34.11
N LYS A 515 12.16 -12.95 35.38
CA LYS A 515 11.68 -14.04 36.20
C LYS A 515 10.19 -13.88 36.49
N LEU A 516 9.64 -12.66 36.33
CA LEU A 516 8.23 -12.49 36.66
C LEU A 516 7.30 -12.90 35.50
N LEU A 517 7.86 -13.26 34.35
CA LEU A 517 7.07 -13.62 33.19
C LEU A 517 6.66 -15.09 33.25
N LYS A 518 7.07 -15.83 34.29
CA LYS A 518 6.66 -17.22 34.46
C LYS A 518 6.12 -17.44 35.87
N LYS A 519 4.90 -17.99 35.97
CA LYS A 519 4.40 -18.62 37.17
C LYS A 519 4.33 -20.14 36.99
N LYS A 520 4.04 -20.85 38.08
CA LYS A 520 3.94 -22.30 38.09
C LYS A 520 3.07 -22.73 36.91
N ASN A 521 1.97 -21.99 36.69
CA ASN A 521 0.97 -22.33 35.69
C ASN A 521 0.48 -21.05 34.98
N LYS A 522 1.42 -20.21 34.52
CA LYS A 522 1.08 -19.07 33.68
C LYS A 522 2.35 -18.52 33.03
N PHE A 523 2.20 -18.05 31.79
CA PHE A 523 3.22 -17.34 31.06
C PHE A 523 2.67 -15.97 30.70
N TYR A 524 3.55 -14.96 30.72
CA TYR A 524 3.15 -13.61 30.36
C TYR A 524 3.90 -13.24 29.11
N SER A 525 3.27 -12.42 28.27
CA SER A 525 3.93 -11.94 27.07
C SER A 525 4.64 -10.62 27.34
N VAL A 526 5.54 -10.26 26.43
CA VAL A 526 6.39 -9.11 26.67
C VAL A 526 6.66 -8.42 25.33
N VAL A 527 6.71 -7.09 25.37
CA VAL A 527 7.17 -6.26 24.29
C VAL A 527 8.56 -5.79 24.66
N LEU A 528 9.51 -5.96 23.75
CA LEU A 528 10.90 -5.58 23.86
C LEU A 528 11.08 -4.39 22.93
N MET A 529 11.40 -3.23 23.48
CA MET A 529 11.54 -2.07 22.62
C MET A 529 13.02 -1.70 22.62
N HIS A 530 13.51 -1.15 21.50
CA HIS A 530 14.85 -0.60 21.45
C HIS A 530 14.86 0.89 21.81
N LYS A 531 15.75 1.27 22.74
CA LYS A 531 16.14 2.67 22.91
C LYS A 531 17.61 2.70 23.33
N ARG A 532 18.12 3.93 23.42
CA ARG A 532 19.36 4.21 24.12
C ARG A 532 19.07 5.32 25.11
N GLY A 533 19.83 5.32 26.22
CA GLY A 533 19.82 6.45 27.13
C GLY A 533 18.49 6.58 27.87
N ASN A 534 18.19 7.82 28.28
CA ASN A 534 16.99 8.09 29.07
C ASN A 534 16.31 9.31 28.47
N PRO A 535 15.16 9.73 29.03
CA PRO A 535 14.42 10.86 28.46
C PRO A 535 15.27 12.11 28.21
N HIS A 536 16.34 12.32 29.00
CA HIS A 536 17.16 13.51 28.88
C HIS A 536 18.29 13.36 27.87
N THR A 537 18.79 12.14 27.68
CA THR A 537 19.97 11.92 26.86
C THR A 537 19.58 11.44 25.45
N MET A 538 18.42 10.76 25.36
CA MET A 538 17.89 10.11 24.16
C MET A 538 18.28 10.84 22.87
N ASP A 539 17.90 12.11 22.77
CA ASP A 539 18.02 12.87 21.53
C ASP A 539 19.49 13.04 21.15
N LYS A 540 20.40 12.69 22.06
CA LYS A 540 21.80 12.86 21.69
C LYS A 540 22.37 11.56 21.13
N LEU A 541 21.82 10.41 21.54
CA LEU A 541 22.47 9.14 21.32
C LEU A 541 22.10 8.55 19.95
N THR A 542 22.45 9.28 18.88
CA THR A 542 21.82 9.13 17.58
C THR A 542 22.73 8.48 16.54
N ASN A 543 23.95 8.05 16.91
CA ASN A 543 24.83 7.48 15.91
C ASN A 543 24.65 5.98 15.79
N TYR A 544 24.50 5.51 14.56
CA TYR A 544 24.33 4.08 14.29
C TYR A 544 25.10 3.78 13.02
N ASP A 545 25.84 2.66 13.00
CA ASP A 545 26.62 2.29 11.85
C ASP A 545 25.67 1.79 10.79
N ASN A 546 24.66 1.02 11.21
CA ASN A 546 23.69 0.44 10.30
C ASN A 546 22.31 0.42 10.98
N LEU A 547 21.65 1.57 10.98
CA LEU A 547 20.48 1.89 11.80
C LEU A 547 19.46 0.75 11.86
N VAL A 548 19.01 0.30 10.68
CA VAL A 548 17.95 -0.68 10.53
C VAL A 548 18.39 -2.02 11.12
N TYR A 549 19.63 -2.45 10.81
CA TYR A 549 20.07 -3.78 11.19
C TYR A 549 20.67 -3.81 12.59
N ASP A 550 21.25 -2.67 13.01
CA ASP A 550 21.70 -2.52 14.39
C ASP A 550 20.54 -2.82 15.34
N ILE A 551 19.37 -2.22 15.05
CA ILE A 551 18.24 -2.30 15.95
C ILE A 551 17.64 -3.70 15.87
N LYS A 552 17.41 -4.17 14.65
CA LYS A 552 16.97 -5.54 14.47
C LYS A 552 17.89 -6.52 15.20
N ASN A 553 19.22 -6.37 15.02
CA ASN A 553 20.13 -7.33 15.66
C ASN A 553 19.98 -7.21 17.17
N TYR A 554 19.90 -5.96 17.68
CA TYR A 554 19.67 -5.71 19.09
C TYR A 554 18.44 -6.49 19.60
N LEU A 555 17.27 -6.35 18.93
CA LEU A 555 16.08 -7.08 19.35
C LEU A 555 16.29 -8.58 19.26
N GLU A 556 17.00 -9.04 18.23
CA GLU A 556 17.28 -10.46 18.17
C GLU A 556 18.14 -10.87 19.38
N GLN A 557 19.24 -10.15 19.66
CA GLN A 557 20.00 -10.46 20.87
C GLN A 557 19.09 -10.52 22.08
N ARG A 558 18.15 -9.57 22.21
CA ARG A 558 17.31 -9.56 23.41
C ARG A 558 16.40 -10.77 23.41
N LEU A 559 15.72 -11.03 22.29
CA LEU A 559 14.88 -12.22 22.21
C LEU A 559 15.68 -13.48 22.57
N ASN A 560 16.90 -13.61 22.07
CA ASN A 560 17.66 -14.82 22.35
C ASN A 560 17.85 -15.00 23.86
N PHE A 561 17.99 -13.86 24.56
CA PHE A 561 18.23 -13.84 25.99
C PHE A 561 16.99 -14.35 26.75
N LEU A 562 15.81 -13.83 26.44
CA LEU A 562 14.62 -14.33 27.14
C LEU A 562 14.40 -15.81 26.83
N VAL A 563 14.67 -16.18 25.58
CA VAL A 563 14.36 -17.51 25.07
C VAL A 563 15.21 -18.56 25.79
N LEU A 564 16.53 -18.29 25.93
CA LEU A 564 17.46 -19.09 26.73
C LEU A 564 16.97 -19.21 28.17
N ASN A 565 16.19 -18.22 28.64
CA ASN A 565 15.72 -18.20 30.02
C ASN A 565 14.27 -18.66 30.14
N GLY A 566 13.75 -19.25 29.05
CA GLY A 566 12.56 -20.06 29.15
C GLY A 566 11.29 -19.27 28.88
N ILE A 567 11.45 -18.09 28.27
CA ILE A 567 10.29 -17.36 27.79
C ILE A 567 9.96 -17.90 26.40
N PRO A 568 8.70 -18.35 26.17
CA PRO A 568 8.30 -18.87 24.87
C PRO A 568 8.53 -17.80 23.81
N ARG A 569 9.22 -18.20 22.73
CA ARG A 569 9.51 -17.33 21.61
C ARG A 569 8.23 -16.63 21.13
N TYR A 570 7.10 -17.34 21.16
CA TYR A 570 5.87 -16.88 20.55
C TYR A 570 5.14 -15.89 21.47
N ARG A 571 5.72 -15.61 22.66
CA ARG A 571 5.10 -14.61 23.54
C ARG A 571 5.90 -13.31 23.59
N ILE A 572 6.91 -13.17 22.71
CA ILE A 572 7.82 -12.04 22.66
C ILE A 572 7.56 -11.22 21.41
N LEU A 573 7.37 -9.90 21.60
CA LEU A 573 7.00 -8.96 20.55
C LEU A 573 8.07 -7.90 20.43
N PHE A 574 8.33 -7.44 19.19
CA PHE A 574 9.44 -6.54 18.90
C PHE A 574 8.90 -5.15 18.65
N ASP A 575 9.66 -4.14 19.09
CA ASP A 575 9.30 -2.75 18.84
C ASP A 575 10.58 -1.97 18.60
N ILE A 576 10.62 -1.25 17.49
CA ILE A 576 11.82 -0.54 17.06
C ILE A 576 12.00 0.76 17.83
N GLY A 577 11.04 1.15 18.67
CA GLY A 577 11.12 2.35 19.51
C GLY A 577 11.24 3.67 18.73
N LEU A 578 10.25 4.00 17.89
CA LEU A 578 10.27 5.25 17.16
C LEU A 578 10.44 6.42 18.14
N GLY A 579 11.27 7.39 17.77
CA GLY A 579 11.47 8.55 18.61
C GLY A 579 12.36 8.30 19.84
N PHE A 580 12.86 7.09 20.07
CA PHE A 580 13.75 6.85 21.21
C PHE A 580 15.19 6.69 20.72
N ALA A 581 15.99 7.75 20.84
CA ALA A 581 17.34 7.81 20.29
C ALA A 581 17.33 7.64 18.78
N LYS A 582 16.43 8.38 18.12
CA LYS A 582 16.42 8.50 16.67
C LYS A 582 16.03 9.92 16.30
N LYS A 583 16.78 10.50 15.36
CA LYS A 583 16.36 11.72 14.69
C LYS A 583 15.10 11.41 13.91
N HIS A 584 14.44 12.44 13.40
CA HIS A 584 13.16 12.21 12.74
C HIS A 584 13.31 11.45 11.44
N ASP A 585 14.39 11.70 10.69
CA ASP A 585 14.67 11.00 9.46
C ASP A 585 14.97 9.53 9.76
N GLN A 586 15.47 9.26 10.97
CA GLN A 586 15.83 7.90 11.36
C GLN A 586 14.56 7.13 11.74
N SER A 587 13.63 7.81 12.42
CA SER A 587 12.30 7.29 12.62
C SER A 587 11.60 6.96 11.30
N ILE A 588 11.62 7.88 10.31
CA ILE A 588 11.03 7.53 9.03
C ILE A 588 11.76 6.32 8.42
N LYS A 589 13.09 6.28 8.57
CA LYS A 589 13.84 5.27 7.84
C LYS A 589 13.53 3.88 8.38
N LEU A 590 13.33 3.80 9.69
CA LEU A 590 12.88 2.58 10.36
C LEU A 590 11.48 2.17 9.86
N LEU A 591 10.57 3.11 9.64
CA LEU A 591 9.28 2.74 9.06
C LEU A 591 9.45 2.25 7.62
N GLN A 592 10.20 2.98 6.79
CA GLN A 592 10.48 2.58 5.42
C GLN A 592 11.00 1.15 5.35
N ASN A 593 11.73 0.73 6.38
CA ASN A 593 12.30 -0.61 6.32
C ASN A 593 11.63 -1.54 7.34
N ILE A 594 10.32 -1.43 7.52
CA ILE A 594 9.67 -2.25 8.53
C ILE A 594 9.57 -3.69 8.05
N HIS A 595 9.77 -3.92 6.72
CA HIS A 595 9.68 -5.26 6.16
C HIS A 595 10.63 -6.25 6.87
N VAL A 596 11.76 -5.75 7.38
CA VAL A 596 12.76 -6.58 8.05
C VAL A 596 12.14 -7.34 9.23
N TYR A 597 10.96 -6.91 9.68
CA TYR A 597 10.24 -7.53 10.79
C TYR A 597 9.21 -8.56 10.29
N ASP A 598 9.33 -9.00 9.01
CA ASP A 598 8.26 -9.80 8.41
C ASP A 598 8.04 -11.12 9.13
N GLU A 599 9.08 -11.61 9.80
CA GLU A 599 8.99 -12.91 10.44
C GLU A 599 8.63 -12.74 11.91
N TYR A 600 8.50 -11.52 12.41
CA TYR A 600 8.38 -11.35 13.85
C TYR A 600 7.05 -10.72 14.23
N PRO A 601 6.50 -10.94 15.46
CA PRO A 601 5.38 -10.13 15.95
C PRO A 601 5.88 -8.72 16.24
N LEU A 602 5.27 -7.73 15.60
CA LEU A 602 5.79 -6.38 15.61
C LEU A 602 4.75 -5.46 16.22
N PHE A 603 5.24 -4.60 17.12
CA PHE A 603 4.47 -3.66 17.91
C PHE A 603 5.15 -2.31 17.66
N ILE A 604 4.39 -1.28 17.25
CA ILE A 604 5.01 0.02 17.10
C ILE A 604 4.18 1.11 17.76
N GLY A 605 4.86 2.22 18.12
CA GLY A 605 4.19 3.39 18.66
C GLY A 605 4.69 4.64 17.96
N TYR A 606 3.86 5.23 17.09
CA TYR A 606 4.21 6.47 16.42
C TYR A 606 3.37 7.60 17.00
N SER A 607 2.34 7.23 17.76
CA SER A 607 1.24 8.14 18.01
C SER A 607 1.69 9.43 18.67
N ARG A 608 1.44 10.55 18.00
CA ARG A 608 1.68 11.89 18.54
C ARG A 608 3.16 12.21 18.75
N LYS A 609 4.08 11.51 18.07
CA LYS A 609 5.49 11.82 18.27
C LYS A 609 5.93 12.92 17.30
N ARG A 610 7.02 13.60 17.64
CA ARG A 610 7.47 14.77 16.90
C ARG A 610 7.75 14.45 15.45
N PHE A 611 8.19 13.22 15.17
CA PHE A 611 8.63 12.85 13.82
C PHE A 611 7.50 12.94 12.77
N ILE A 612 6.22 12.76 13.17
CA ILE A 612 5.07 12.92 12.31
C ILE A 612 5.02 14.33 11.73
N THR A 613 4.97 15.35 12.61
CA THR A 613 4.94 16.80 12.36
C THR A 613 6.13 17.23 11.50
N HIS A 614 7.26 16.57 11.65
CA HIS A 614 8.44 16.88 10.86
C HIS A 614 8.17 16.73 9.36
N CYS A 615 7.13 15.92 9.03
CA CYS A 615 6.81 15.47 7.68
C CYS A 615 5.92 16.47 6.94
N MET A 616 5.34 17.42 7.68
CA MET A 616 4.38 18.35 7.13
C MET A 616 5.09 19.48 6.39
N ASN A 617 4.43 19.98 5.33
CA ASN A 617 4.74 21.23 4.65
C ASN A 617 4.40 22.41 5.58
N ASP A 657 -4.61 29.49 15.83
CA ASP A 657 -3.69 28.86 16.83
C ASP A 657 -2.72 27.93 16.10
N LYS A 658 -1.43 28.11 16.40
CA LYS A 658 -0.35 27.33 15.83
C LYS A 658 -0.37 25.90 16.41
N ASP A 659 -0.53 25.80 17.74
CA ASP A 659 -0.36 24.55 18.49
C ASP A 659 -1.58 23.63 18.30
N GLN A 660 -2.77 24.21 18.11
CA GLN A 660 -3.94 23.39 17.83
C GLN A 660 -3.89 22.83 16.40
N LEU A 661 -3.52 23.69 15.43
CA LEU A 661 -3.25 23.27 14.06
C LEU A 661 -2.33 22.06 14.05
N LEU A 662 -1.24 22.16 14.82
CA LEU A 662 -0.13 21.22 14.78
C LEU A 662 -0.56 19.88 15.39
N TYR A 663 -1.37 19.94 16.45
CA TYR A 663 -1.92 18.76 17.11
C TYR A 663 -2.73 17.91 16.13
N GLN A 664 -3.61 18.58 15.37
CA GLN A 664 -4.58 17.94 14.49
C GLN A 664 -3.84 17.24 13.36
N LYS A 665 -2.98 18.00 12.65
CA LYS A 665 -2.07 17.52 11.63
C LYS A 665 -1.33 16.26 12.11
N ASN A 666 -0.89 16.29 13.37
CA ASN A 666 -0.09 15.23 13.94
C ASN A 666 -0.99 14.02 14.15
N ILE A 667 -2.22 14.22 14.62
CA ILE A 667 -3.11 13.08 14.74
C ILE A 667 -3.46 12.47 13.37
N CYS A 668 -3.64 13.34 12.38
CA CYS A 668 -4.05 12.95 11.03
C CYS A 668 -2.88 12.26 10.33
N GLY A 669 -1.67 12.79 10.56
CA GLY A 669 -0.45 12.17 10.08
C GLY A 669 -0.28 10.76 10.63
N GLY A 670 -0.69 10.55 11.89
CA GLY A 670 -0.64 9.23 12.50
C GLY A 670 -1.56 8.23 11.78
N LEU A 671 -2.67 8.74 11.24
CA LEU A 671 -3.62 7.84 10.61
C LEU A 671 -3.04 7.35 9.28
N ALA A 672 -2.22 8.19 8.62
CA ALA A 672 -1.38 7.77 7.50
C ALA A 672 -0.50 6.59 7.89
N ILE A 673 0.07 6.64 9.10
CA ILE A 673 0.94 5.56 9.57
C ILE A 673 0.08 4.36 9.97
N ALA A 674 -1.15 4.59 10.45
CA ALA A 674 -2.09 3.48 10.62
C ALA A 674 -2.28 2.75 9.28
N SER A 675 -2.43 3.52 8.19
CA SER A 675 -2.69 2.98 6.86
C SER A 675 -1.49 2.13 6.42
N TYR A 676 -0.29 2.72 6.60
CA TYR A 676 0.96 2.09 6.20
C TYR A 676 1.15 0.78 6.98
N SER A 677 0.94 0.85 8.29
CA SER A 677 1.07 -0.29 9.19
C SER A 677 0.18 -1.42 8.72
N TYR A 678 -1.07 -1.04 8.33
CA TYR A 678 -2.06 -2.00 7.87
C TYR A 678 -1.55 -2.78 6.66
N TYR A 679 -1.01 -2.08 5.67
CA TYR A 679 -0.48 -2.72 4.48
C TYR A 679 0.82 -3.44 4.79
N LYS A 680 1.58 -3.00 5.80
CA LYS A 680 2.82 -3.70 6.10
C LYS A 680 2.54 -4.84 7.05
N LYS A 681 1.29 -4.91 7.51
CA LYS A 681 0.79 -6.03 8.26
C LYS A 681 1.36 -6.04 9.68
N VAL A 682 1.61 -4.83 10.20
CA VAL A 682 2.12 -4.64 11.53
C VAL A 682 1.09 -5.28 12.46
N ASP A 683 1.55 -6.06 13.47
CA ASP A 683 0.62 -6.74 14.37
C ASP A 683 -0.03 -5.86 15.44
N LEU A 684 0.69 -4.87 16.03
CA LEU A 684 0.04 -3.98 17.00
C LEU A 684 0.51 -2.54 16.80
N ILE A 685 -0.41 -1.59 16.95
CA ILE A 685 -0.02 -0.20 16.89
C ILE A 685 -0.55 0.46 18.15
N ARG A 686 0.31 1.30 18.76
CA ARG A 686 0.05 1.86 20.09
C ARG A 686 -0.41 3.30 19.91
N VAL A 687 -1.69 3.56 20.19
CA VAL A 687 -2.29 4.78 19.68
C VAL A 687 -3.08 5.43 20.81
N HIS A 688 -3.12 6.76 20.78
CA HIS A 688 -3.95 7.55 21.65
C HIS A 688 -5.39 7.62 21.17
N ASP A 689 -5.58 7.85 19.86
CA ASP A 689 -6.84 8.11 19.17
C ASP A 689 -7.44 6.82 18.60
N VAL A 690 -8.13 6.07 19.46
CA VAL A 690 -8.60 4.73 19.12
C VAL A 690 -9.76 4.75 18.13
N LEU A 691 -10.73 5.65 18.28
CA LEU A 691 -11.87 5.71 17.37
C LEU A 691 -11.36 5.98 15.95
N GLU A 692 -10.47 6.98 15.83
CA GLU A 692 -9.95 7.36 14.54
C GLU A 692 -9.20 6.18 13.91
N THR A 693 -8.35 5.52 14.71
CA THR A 693 -7.51 4.48 14.16
C THR A 693 -8.43 3.36 13.65
N LYS A 694 -9.48 3.06 14.41
CA LYS A 694 -10.40 1.96 14.12
C LYS A 694 -11.19 2.25 12.85
N SER A 695 -11.61 3.50 12.68
CA SER A 695 -12.25 3.92 11.45
C SER A 695 -11.34 3.64 10.26
N VAL A 696 -10.07 4.05 10.39
CA VAL A 696 -9.14 3.82 9.29
C VAL A 696 -9.05 2.31 9.01
N LEU A 697 -8.92 1.51 10.07
CA LEU A 697 -8.53 0.13 9.82
C LEU A 697 -9.74 -0.60 9.24
N ASP A 698 -10.95 -0.22 9.70
CA ASP A 698 -12.21 -0.80 9.23
C ASP A 698 -12.41 -0.53 7.74
N VAL A 699 -12.13 0.71 7.31
CA VAL A 699 -12.29 1.04 5.90
C VAL A 699 -11.29 0.25 5.08
N LEU A 700 -10.04 0.11 5.54
CA LEU A 700 -9.05 -0.52 4.66
C LEU A 700 -9.36 -2.00 4.59
N THR A 701 -9.90 -2.54 5.69
CA THR A 701 -10.35 -3.91 5.72
C THR A 701 -11.49 -4.16 4.72
N LYS A 702 -12.52 -3.30 4.69
CA LYS A 702 -13.60 -3.43 3.73
C LYS A 702 -13.03 -3.41 2.31
N ILE A 703 -12.16 -2.44 2.02
CA ILE A 703 -11.61 -2.35 0.69
C ILE A 703 -10.86 -3.64 0.33
N ASP A 704 -10.35 -4.37 1.33
CA ASP A 704 -9.64 -5.61 1.04
C ASP A 704 -10.58 -6.80 0.88
N GLN A 705 -11.78 -6.75 1.48
CA GLN A 705 -12.70 -7.89 1.49
C GLN A 705 -13.41 -7.97 0.14
N VAL A 706 -12.93 -8.90 -0.70
CA VAL A 706 -13.20 -8.89 -2.13
C VAL A 706 -14.21 -9.97 -2.51
N LYS A 707 -15.27 -10.16 -1.70
CA LYS A 707 -16.16 -11.28 -1.91
C LYS A 707 -17.36 -10.82 -2.72
N ASP A 708 -17.31 -11.11 -4.03
CA ASP A 708 -18.24 -10.58 -5.04
C ASP A 708 -18.14 -9.06 -5.09
N GLU B 6 -2.08 23.94 -62.26
CA GLU B 6 -1.96 22.78 -61.34
C GLU B 6 -3.34 22.32 -60.88
N LEU B 7 -3.49 21.00 -60.74
CA LEU B 7 -4.65 20.39 -60.12
C LEU B 7 -4.64 20.71 -58.63
N ILE B 8 -3.43 21.06 -58.14
CA ILE B 8 -3.14 21.48 -56.77
C ILE B 8 -3.95 22.71 -56.38
N LEU B 9 -3.99 23.72 -57.28
CA LEU B 9 -4.60 25.02 -57.01
C LEU B 9 -6.04 25.05 -57.53
N SER B 10 -6.38 24.09 -58.42
CA SER B 10 -7.73 23.94 -58.96
C SER B 10 -8.68 23.76 -57.79
N GLU B 11 -9.62 24.72 -57.63
CA GLU B 11 -10.38 24.90 -56.40
C GLU B 11 -11.38 23.75 -56.20
N GLU B 12 -10.99 22.54 -56.64
CA GLU B 12 -11.72 21.30 -56.38
C GLU B 12 -11.73 21.04 -54.87
N ASN B 13 -12.74 21.60 -54.17
CA ASN B 13 -12.77 21.63 -52.71
C ASN B 13 -13.17 20.27 -52.15
N LYS B 14 -12.31 19.73 -51.27
CA LYS B 14 -12.44 18.37 -50.79
C LYS B 14 -12.31 18.34 -49.27
N THR B 15 -12.52 17.15 -48.70
CA THR B 15 -12.21 16.88 -47.31
C THR B 15 -11.19 15.75 -47.23
N ASN B 16 -10.01 16.05 -46.68
CA ASN B 16 -9.00 15.02 -46.52
C ASN B 16 -8.77 14.73 -45.04
N ILE B 17 -8.34 13.49 -44.73
CA ILE B 17 -7.92 13.10 -43.39
C ILE B 17 -6.39 13.14 -43.31
N ALA B 18 -5.85 14.02 -42.46
CA ALA B 18 -4.42 14.07 -42.20
C ALA B 18 -4.10 13.90 -40.71
N VAL B 19 -3.01 13.17 -40.43
CA VAL B 19 -2.58 12.93 -39.06
C VAL B 19 -1.27 13.66 -38.79
N LEU B 20 -1.25 14.53 -37.79
CA LEU B 20 -0.10 15.40 -37.53
C LEU B 20 0.62 15.04 -36.23
N ASN B 21 1.90 15.44 -36.17
CA ASN B 21 2.70 15.39 -34.96
C ASN B 21 3.10 16.83 -34.59
N LEU B 22 2.99 17.20 -33.30
CA LEU B 22 3.35 18.52 -32.80
C LEU B 22 4.36 18.36 -31.68
N GLY B 23 5.55 18.94 -31.87
CA GLY B 23 6.68 18.72 -30.97
C GLY B 23 7.35 20.04 -30.61
N THR B 24 7.76 20.16 -29.35
CA THR B 24 8.51 21.31 -28.86
C THR B 24 9.55 20.74 -27.90
N ASN B 25 10.46 21.58 -27.41
CA ASN B 25 11.38 21.14 -26.38
C ASN B 25 11.44 22.16 -25.25
N ASP B 26 10.67 23.25 -25.39
CA ASP B 26 10.52 24.22 -24.31
C ASP B 26 9.60 23.63 -23.25
N ARG B 27 10.21 23.21 -22.14
CA ARG B 27 9.52 22.49 -21.09
C ARG B 27 8.44 23.40 -20.48
N ARG B 28 8.84 24.61 -20.03
CA ARG B 28 7.96 25.42 -19.20
C ARG B 28 6.72 25.84 -19.98
N ASN B 29 6.83 25.91 -21.31
CA ASN B 29 5.77 26.49 -22.14
C ASN B 29 5.17 25.46 -23.10
N ALA B 30 5.47 24.17 -22.85
CA ALA B 30 5.00 23.10 -23.73
C ALA B 30 3.53 23.29 -24.06
N VAL B 31 2.69 23.46 -23.02
CA VAL B 31 1.24 23.56 -23.11
C VAL B 31 0.87 24.73 -24.03
N LEU B 32 1.41 25.91 -23.71
CA LEU B 32 1.17 27.13 -24.46
C LEU B 32 1.61 26.94 -25.91
N ILE B 33 2.88 26.57 -26.14
CA ILE B 33 3.34 26.39 -27.49
C ILE B 33 2.39 25.43 -28.21
N LEU B 34 2.22 24.22 -27.63
CA LEU B 34 1.49 23.17 -28.32
C LEU B 34 0.01 23.52 -28.53
N GLU B 35 -0.62 24.19 -27.56
CA GLU B 35 -2.05 24.50 -27.71
C GLU B 35 -2.29 25.64 -28.72
N THR B 36 -1.40 26.63 -28.73
CA THR B 36 -1.37 27.65 -29.78
C THR B 36 -1.34 27.00 -31.17
N ALA B 37 -0.50 25.97 -31.33
CA ALA B 37 -0.40 25.27 -32.60
C ALA B 37 -1.72 24.58 -32.94
N LEU B 38 -2.30 23.88 -31.96
CA LEU B 38 -3.66 23.38 -32.10
C LEU B 38 -4.57 24.47 -32.66
N HIS B 39 -4.59 25.65 -32.03
CA HIS B 39 -5.47 26.72 -32.47
C HIS B 39 -5.26 27.06 -33.94
N LEU B 40 -4.00 27.15 -34.39
CA LEU B 40 -3.72 27.59 -35.76
C LEU B 40 -4.12 26.50 -36.75
N VAL B 41 -3.90 25.24 -36.36
CA VAL B 41 -4.35 24.09 -37.13
C VAL B 41 -5.88 24.07 -37.21
N GLU B 42 -6.57 24.63 -36.21
CA GLU B 42 -8.02 24.54 -36.16
C GLU B 42 -8.62 25.60 -37.10
N LYS B 43 -7.86 26.70 -37.25
CA LYS B 43 -8.24 27.91 -37.97
C LYS B 43 -7.86 27.78 -39.44
N TYR B 44 -6.58 27.43 -39.69
CA TYR B 44 -5.98 27.45 -41.02
C TYR B 44 -5.96 26.10 -41.74
N LEU B 45 -6.42 25.01 -41.12
CA LEU B 45 -6.22 23.71 -41.77
C LEU B 45 -7.50 22.90 -41.85
N GLY B 46 -8.37 23.01 -40.84
CA GLY B 46 -9.56 22.16 -40.88
C GLY B 46 -10.22 21.98 -39.52
N LYS B 47 -10.62 20.74 -39.23
CA LYS B 47 -11.19 20.40 -37.94
C LYS B 47 -10.35 19.32 -37.28
N ILE B 48 -9.91 19.60 -36.04
CA ILE B 48 -9.33 18.60 -35.16
C ILE B 48 -10.39 17.60 -34.70
N ILE B 49 -10.18 16.31 -34.99
CA ILE B 49 -11.18 15.31 -34.62
C ILE B 49 -10.55 14.19 -33.78
N ASN B 50 -9.23 14.24 -33.54
CA ASN B 50 -8.62 13.37 -32.55
C ASN B 50 -7.36 14.01 -32.00
N THR B 51 -7.00 13.67 -30.75
CA THR B 51 -5.71 14.05 -30.18
C THR B 51 -5.17 12.90 -29.33
N SER B 52 -3.84 12.85 -29.16
CA SER B 52 -3.20 11.92 -28.23
C SER B 52 -3.13 12.61 -26.88
N TYR B 53 -2.55 11.93 -25.87
CA TYR B 53 -2.08 12.61 -24.68
C TYR B 53 -0.85 13.43 -25.05
N LEU B 54 -0.45 14.33 -24.15
CA LEU B 54 0.83 14.98 -24.22
C LEU B 54 1.81 13.99 -23.61
N TYR B 55 3.06 14.00 -24.12
CA TYR B 55 4.12 13.13 -23.61
C TYR B 55 5.43 13.89 -23.44
N GLU B 56 6.10 13.68 -22.30
CA GLU B 56 7.50 14.03 -22.14
C GLU B 56 8.35 12.83 -22.56
N THR B 57 9.17 13.01 -23.60
CA THR B 57 9.94 11.92 -24.18
C THR B 57 11.43 12.23 -24.14
N VAL B 58 12.24 11.18 -23.98
CA VAL B 58 13.69 11.23 -24.05
C VAL B 58 14.13 10.42 -25.26
N PRO B 59 14.80 11.04 -26.27
CA PRO B 59 15.06 10.42 -27.57
C PRO B 59 15.46 8.93 -27.62
N TYR B 84 5.30 36.91 -26.80
CA TYR B 84 4.82 37.64 -27.99
C TYR B 84 3.63 36.91 -28.60
N ILE B 85 3.35 35.71 -28.07
CA ILE B 85 2.32 34.83 -28.58
C ILE B 85 0.96 35.41 -28.21
N ASN B 86 0.88 35.88 -26.96
CA ASN B 86 -0.34 36.46 -26.42
C ASN B 86 -0.86 37.55 -27.36
N GLU B 87 0.09 38.24 -28.02
CA GLU B 87 -0.18 39.35 -28.93
C GLU B 87 -0.42 38.83 -30.35
N LEU B 88 0.45 37.90 -30.79
CA LEU B 88 0.39 37.28 -32.10
C LEU B 88 -1.01 36.72 -32.40
N MET B 89 -1.73 36.30 -31.36
CA MET B 89 -3.05 35.69 -31.54
C MET B 89 -4.08 36.74 -31.96
N GLN B 90 -3.77 38.01 -31.72
CA GLN B 90 -4.68 39.11 -32.02
C GLN B 90 -4.64 39.46 -33.50
N ASN B 91 -3.44 39.39 -34.09
CA ASN B 91 -3.19 39.89 -35.44
C ASN B 91 -3.04 38.74 -36.44
N LEU B 92 -4.07 37.92 -36.61
CA LEU B 92 -3.92 36.78 -37.48
C LEU B 92 -4.80 36.96 -38.72
N GLU B 93 -4.21 36.75 -39.90
CA GLU B 93 -4.98 36.85 -41.12
C GLU B 93 -6.10 35.82 -41.05
N GLU B 94 -7.29 36.17 -41.56
CA GLU B 94 -8.46 35.30 -41.57
C GLU B 94 -8.22 34.12 -42.49
N SER B 95 -9.15 33.16 -42.50
CA SER B 95 -9.07 31.97 -43.31
C SER B 95 -10.14 32.05 -44.41
N LYS B 96 -9.83 31.49 -45.58
CA LYS B 96 -10.77 31.50 -46.69
C LYS B 96 -11.79 30.39 -46.47
N TYR B 97 -11.61 29.61 -45.40
CA TYR B 97 -12.59 28.61 -45.02
C TYR B 97 -13.20 29.00 -43.68
N GLU B 98 -14.50 28.71 -43.56
CA GLU B 98 -15.34 29.05 -42.40
C GLU B 98 -15.13 28.02 -41.29
N GLU B 99 -15.31 28.44 -40.03
CA GLU B 99 -15.16 27.57 -38.87
C GLU B 99 -16.52 27.27 -38.24
N ASN B 100 -16.89 25.98 -38.17
CA ASN B 100 -18.08 25.53 -37.45
C ASN B 100 -17.68 24.99 -36.08
N LYS B 101 -18.18 25.62 -35.01
CA LYS B 101 -17.95 25.08 -33.67
C LYS B 101 -18.92 23.93 -33.40
N GLU B 102 -19.89 23.74 -34.31
CA GLU B 102 -20.97 22.78 -34.22
C GLU B 102 -20.48 21.37 -33.86
N LEU B 103 -21.29 20.65 -33.06
CA LEU B 103 -20.95 19.32 -32.59
C LEU B 103 -21.38 18.30 -33.63
N ILE B 104 -20.53 17.27 -33.80
CA ILE B 104 -20.78 16.11 -34.65
C ILE B 104 -20.75 14.85 -33.79
N ASP B 105 -21.34 13.77 -34.30
CA ASP B 105 -21.53 12.52 -33.59
C ASP B 105 -20.63 11.45 -34.21
N LYS B 106 -20.22 11.69 -35.46
CA LYS B 106 -19.46 10.77 -36.30
C LYS B 106 -18.89 11.58 -37.45
N CYS B 107 -17.93 10.98 -38.17
CA CYS B 107 -17.26 11.69 -39.24
C CYS B 107 -16.86 10.67 -40.28
N GLU B 108 -17.65 10.61 -41.37
CA GLU B 108 -17.61 9.51 -42.32
C GLU B 108 -16.23 9.36 -42.95
N GLU B 109 -15.66 10.51 -43.36
CA GLU B 109 -14.33 10.53 -43.94
C GLU B 109 -13.38 9.75 -43.03
N TYR B 110 -13.30 10.16 -41.75
CA TYR B 110 -12.46 9.52 -40.74
C TYR B 110 -12.79 8.05 -40.64
N GLU B 111 -14.08 7.68 -40.64
CA GLU B 111 -14.43 6.26 -40.59
C GLU B 111 -13.71 5.51 -41.71
N THR B 112 -13.67 6.15 -42.90
CA THR B 112 -13.19 5.64 -44.18
C THR B 112 -11.67 5.54 -44.19
N PHE B 113 -11.01 6.49 -43.52
CA PHE B 113 -9.56 6.51 -43.35
C PHE B 113 -9.11 5.34 -42.49
N LEU B 114 -9.88 5.03 -41.43
CA LEU B 114 -9.53 3.96 -40.50
C LEU B 114 -9.61 2.57 -41.13
N LYS B 115 -10.53 2.34 -42.08
CA LYS B 115 -10.68 0.99 -42.63
C LYS B 115 -9.90 0.87 -43.93
N ASN B 116 -9.40 2.01 -44.45
CA ASN B 116 -8.77 2.08 -45.75
C ASN B 116 -9.77 1.76 -46.85
N GLY B 117 -10.92 2.43 -46.81
CA GLY B 117 -11.91 2.38 -47.89
C GLY B 117 -11.52 3.32 -49.02
N LYS B 118 -12.28 3.26 -50.12
CA LYS B 118 -11.93 3.96 -51.35
C LYS B 118 -11.93 5.47 -51.15
N VAL B 119 -10.82 6.09 -51.56
CA VAL B 119 -10.63 7.54 -51.51
C VAL B 119 -9.99 7.96 -52.83
N ASP B 120 -10.26 9.22 -53.23
CA ASP B 120 -9.78 9.79 -54.49
C ASP B 120 -8.27 9.65 -54.59
N ASN B 121 -7.78 9.27 -55.79
CA ASN B 121 -6.37 9.11 -56.08
C ASN B 121 -5.63 10.38 -55.67
N SER B 122 -4.37 10.19 -55.27
CA SER B 122 -3.52 11.31 -54.90
C SER B 122 -3.15 12.12 -56.13
N ILE B 123 -3.25 13.45 -56.03
CA ILE B 123 -2.81 14.28 -57.13
C ILE B 123 -1.29 14.21 -57.26
N LEU B 124 -0.57 14.22 -56.14
CA LEU B 124 0.88 14.05 -56.21
C LEU B 124 1.22 12.62 -56.63
N LYS B 125 2.39 12.45 -57.27
CA LYS B 125 2.88 11.14 -57.68
C LYS B 125 3.11 10.30 -56.44
N GLU B 126 2.61 9.06 -56.47
CA GLU B 126 2.82 8.07 -55.43
C GLU B 126 3.95 7.11 -55.81
N VAL B 127 4.92 6.91 -54.90
CA VAL B 127 5.80 5.75 -55.02
C VAL B 127 5.08 4.50 -54.49
N ASN B 128 5.75 3.34 -54.64
CA ASN B 128 5.29 2.04 -54.17
C ASN B 128 6.02 1.67 -52.87
N VAL B 129 5.65 0.52 -52.30
CA VAL B 129 6.10 0.13 -50.96
C VAL B 129 7.62 0.04 -50.90
N GLU B 130 8.22 -0.79 -51.77
CA GLU B 130 9.65 -1.05 -51.81
C GLU B 130 10.41 0.27 -51.95
N ASN B 131 10.09 1.01 -53.02
CA ASN B 131 10.75 2.27 -53.31
C ASN B 131 10.64 3.18 -52.09
N TYR B 132 9.41 3.33 -51.57
CA TYR B 132 9.17 4.10 -50.36
C TYR B 132 10.09 3.61 -49.24
N LEU B 133 10.12 2.29 -49.02
CA LEU B 133 10.82 1.72 -47.89
C LEU B 133 12.34 2.00 -47.98
N LEU B 134 12.87 1.98 -49.20
CA LEU B 134 14.30 2.18 -49.45
C LEU B 134 14.73 3.60 -49.12
N GLU B 135 13.91 4.59 -49.48
CA GLU B 135 14.22 6.00 -49.33
C GLU B 135 14.19 6.43 -47.85
N CYS B 136 13.25 5.85 -47.09
CA CYS B 136 13.19 6.11 -45.67
C CYS B 136 14.44 5.55 -45.02
N ASN B 137 14.72 4.28 -45.27
CA ASN B 137 15.88 3.64 -44.69
C ASN B 137 17.11 4.52 -44.89
N ASN B 138 17.17 5.17 -46.05
CA ASN B 138 18.27 6.02 -46.47
C ASN B 138 18.35 7.26 -45.59
N ILE B 139 17.20 7.90 -45.36
CA ILE B 139 17.13 9.08 -44.52
C ILE B 139 17.50 8.70 -43.08
N ILE B 140 17.05 7.53 -42.63
CA ILE B 140 17.31 7.12 -41.26
C ILE B 140 18.81 6.93 -41.07
N VAL B 141 19.48 6.23 -42.01
CA VAL B 141 20.91 5.98 -41.84
C VAL B 141 21.72 7.27 -42.00
N LYS B 142 21.40 8.07 -43.02
CA LYS B 142 22.14 9.29 -43.30
C LYS B 142 22.11 10.23 -42.10
N ASN B 143 21.03 10.16 -41.29
CA ASN B 143 20.86 11.03 -40.14
C ASN B 143 21.65 10.51 -38.93
N ASP B 144 21.88 9.19 -38.85
CA ASP B 144 22.54 8.56 -37.71
C ASP B 144 23.89 9.21 -37.49
N GLU B 145 24.64 9.39 -38.59
CA GLU B 145 26.04 9.80 -38.59
C GLU B 145 26.17 11.28 -38.23
N ILE B 146 25.24 12.10 -38.75
CA ILE B 146 25.26 13.54 -38.51
C ILE B 146 25.12 13.81 -37.00
N MET B 147 24.27 13.00 -36.34
CA MET B 147 24.17 13.02 -34.88
C MET B 147 25.31 12.21 -34.25
N LYS B 148 25.83 11.22 -34.99
CA LYS B 148 27.04 10.49 -34.61
C LYS B 148 28.27 11.31 -35.04
N ASN B 149 28.30 12.58 -34.59
CA ASN B 149 29.32 13.56 -34.91
C ASN B 149 29.35 14.64 -33.80
N SER B 161 18.21 16.87 -23.24
CA SER B 161 16.97 17.67 -23.35
C SER B 161 15.76 16.75 -23.51
N TYR B 162 14.59 17.21 -23.05
CA TYR B 162 13.35 16.48 -23.23
C TYR B 162 12.53 17.08 -24.37
N PHE B 163 11.72 16.24 -25.03
CA PHE B 163 10.75 16.68 -26.03
C PHE B 163 9.33 16.53 -25.49
N TYR B 164 8.42 17.41 -25.95
CA TYR B 164 7.01 17.35 -25.65
C TYR B 164 6.25 17.19 -26.95
N ASN B 165 5.43 16.14 -26.98
CA ASN B 165 4.91 15.58 -28.21
C ASN B 165 3.39 15.40 -28.10
N LEU B 166 2.70 15.52 -29.22
CA LEU B 166 1.27 15.41 -29.28
C LEU B 166 0.87 15.13 -30.73
N THR B 167 0.05 14.10 -30.95
CA THR B 167 -0.51 13.91 -32.28
C THR B 167 -1.94 14.40 -32.34
N VAL B 168 -2.42 14.61 -33.58
CA VAL B 168 -3.74 15.15 -33.87
C VAL B 168 -4.25 14.58 -35.20
N VAL B 169 -5.56 14.32 -35.27
CA VAL B 169 -6.19 14.04 -36.55
C VAL B 169 -6.94 15.29 -36.99
N VAL B 170 -6.73 15.67 -38.25
CA VAL B 170 -7.38 16.83 -38.85
C VAL B 170 -8.22 16.37 -40.02
N LYS B 171 -9.48 16.81 -40.05
CA LYS B 171 -10.29 16.71 -41.27
C LYS B 171 -10.05 18.02 -42.02
N THR B 172 -9.41 17.91 -43.19
CA THR B 172 -8.77 19.05 -43.82
C THR B 172 -9.41 19.37 -45.17
N PHE B 173 -9.31 20.65 -45.54
CA PHE B 173 -9.81 21.18 -46.81
C PHE B 173 -8.65 21.36 -47.78
N VAL B 174 -7.42 21.10 -47.33
CA VAL B 174 -6.24 21.18 -48.17
C VAL B 174 -6.22 19.94 -49.07
N ASN B 175 -5.66 20.05 -50.28
CA ASN B 175 -6.04 19.09 -51.31
C ASN B 175 -5.03 17.95 -51.40
N ASP B 176 -3.81 18.23 -50.92
CA ASP B 176 -2.68 17.32 -50.98
C ASP B 176 -1.72 17.66 -49.83
N PRO B 177 -0.84 16.70 -49.43
CA PRO B 177 0.14 16.96 -48.38
C PRO B 177 1.15 18.09 -48.57
N LEU B 178 1.54 18.37 -49.83
CA LEU B 178 2.58 19.35 -50.05
C LEU B 178 2.01 20.74 -49.77
N SER B 179 0.76 20.96 -50.18
CA SER B 179 0.06 22.18 -49.81
C SER B 179 -0.01 22.26 -48.29
N MET B 180 -0.42 21.16 -47.64
CA MET B 180 -0.62 21.21 -46.20
C MET B 180 0.70 21.54 -45.52
N LEU B 181 1.78 20.92 -46.03
CA LEU B 181 3.10 21.15 -45.48
C LEU B 181 3.50 22.61 -45.62
N VAL B 182 3.03 23.24 -46.72
CA VAL B 182 3.31 24.66 -46.95
C VAL B 182 2.60 25.50 -45.90
N VAL B 183 1.30 25.25 -45.69
CA VAL B 183 0.56 25.97 -44.67
C VAL B 183 1.19 25.71 -43.30
N ILE B 184 1.50 24.43 -43.02
CA ILE B 184 2.13 24.05 -41.76
C ILE B 184 3.38 24.91 -41.53
N LYS B 185 4.23 25.00 -42.57
CA LYS B 185 5.47 25.77 -42.52
C LYS B 185 5.19 27.24 -42.24
N TYR B 186 4.07 27.75 -42.79
CA TYR B 186 3.64 29.11 -42.49
C TYR B 186 3.32 29.22 -41.01
N ILE B 187 2.53 28.27 -40.50
CA ILE B 187 2.14 28.29 -39.09
C ILE B 187 3.41 28.34 -38.23
N GLU B 188 4.38 27.48 -38.53
CA GLU B 188 5.62 27.44 -37.76
C GLU B 188 6.24 28.83 -37.75
N GLU B 189 6.52 29.35 -38.95
CA GLU B 189 7.11 30.66 -39.15
C GLU B 189 6.40 31.70 -38.29
N LEU B 190 5.06 31.66 -38.33
CA LEU B 190 4.22 32.63 -37.64
C LEU B 190 4.51 32.60 -36.14
N MET B 191 5.01 31.45 -35.64
CA MET B 191 5.26 31.24 -34.23
C MET B 191 6.71 31.54 -33.87
N LYS B 192 7.54 31.94 -34.86
CA LYS B 192 8.96 32.26 -34.69
C LYS B 192 9.77 30.97 -34.50
N ILE B 206 11.45 26.01 -31.26
CA ILE B 206 10.10 26.36 -30.69
C ILE B 206 9.09 25.25 -30.98
N ILE B 207 8.78 25.01 -32.26
CA ILE B 207 7.74 24.07 -32.62
C ILE B 207 8.12 23.36 -33.92
N ASP B 208 7.68 22.12 -34.07
CA ASP B 208 7.94 21.26 -35.21
C ASP B 208 6.66 20.48 -35.48
N ILE B 209 6.02 20.76 -36.62
CA ILE B 209 4.78 20.12 -36.98
C ILE B 209 5.04 19.28 -38.22
N ASP B 210 4.95 17.96 -38.06
CA ASP B 210 5.21 17.04 -39.15
C ASP B 210 3.87 16.45 -39.57
N ILE B 211 3.81 15.98 -40.82
CA ILE B 211 2.67 15.21 -41.29
C ILE B 211 3.08 13.76 -41.19
N LEU B 212 2.18 12.90 -40.74
CA LEU B 212 2.50 11.50 -40.50
C LEU B 212 1.72 10.66 -41.50
N PHE B 213 0.49 11.09 -41.79
CA PHE B 213 -0.31 10.39 -42.77
C PHE B 213 -1.08 11.44 -43.56
N PHE B 214 -1.63 11.01 -44.70
CA PHE B 214 -2.51 11.80 -45.52
C PHE B 214 -3.34 10.85 -46.37
N ASN B 215 -4.50 10.46 -45.85
CA ASN B 215 -5.24 9.38 -46.45
C ASN B 215 -4.25 8.22 -46.58
N ASP B 216 -4.53 7.32 -47.51
CA ASP B 216 -3.80 6.08 -47.63
C ASP B 216 -2.56 6.26 -48.50
N PHE B 217 -2.23 7.51 -48.85
CA PHE B 217 -1.24 7.80 -49.88
C PHE B 217 0.14 7.30 -49.47
N THR B 218 0.97 7.00 -50.47
CA THR B 218 2.36 6.60 -50.29
C THR B 218 3.24 7.43 -51.23
N ILE B 219 3.82 8.51 -50.68
CA ILE B 219 4.51 9.57 -51.40
C ILE B 219 5.95 9.67 -50.87
N PHE B 220 6.91 9.79 -51.79
CA PHE B 220 8.26 10.25 -51.48
C PHE B 220 8.75 11.15 -52.63
N MET B 221 9.07 12.40 -52.30
CA MET B 221 9.42 13.40 -53.31
C MET B 221 10.77 14.01 -52.98
N LYS B 222 11.79 13.58 -53.75
CA LYS B 222 13.20 13.64 -53.41
C LYS B 222 13.71 15.08 -53.37
N ASN B 223 13.34 15.90 -54.36
CA ASN B 223 14.01 17.19 -54.51
C ASN B 223 13.01 18.27 -54.87
N ILE B 224 12.95 19.28 -54.01
CA ILE B 224 11.90 20.28 -54.03
C ILE B 224 12.51 21.65 -53.78
N LYS B 225 12.35 22.49 -54.82
CA LYS B 225 12.45 23.95 -54.75
C LYS B 225 11.12 24.46 -55.30
N LEU B 226 10.59 25.51 -54.66
CA LEU B 226 9.42 26.19 -55.20
C LEU B 226 9.72 27.67 -55.29
N GLU B 227 9.36 28.28 -56.42
CA GLU B 227 9.36 29.72 -56.51
C GLU B 227 8.61 30.26 -55.30
N LYS B 228 9.14 31.34 -54.72
CA LYS B 228 8.42 32.17 -53.76
C LYS B 228 7.06 32.55 -54.35
N ASN B 229 6.87 32.25 -55.63
CA ASN B 229 5.63 32.58 -56.31
C ASN B 229 4.61 31.46 -56.07
N MET B 230 5.07 30.21 -56.21
CA MET B 230 4.22 29.04 -55.99
C MET B 230 3.69 29.05 -54.55
N ILE B 231 4.57 29.35 -53.58
CA ILE B 231 4.23 29.50 -52.18
C ILE B 231 3.05 30.47 -52.06
N TYR B 232 3.26 31.73 -52.44
CA TYR B 232 2.27 32.78 -52.22
C TYR B 232 0.91 32.33 -52.77
N LYS B 233 0.93 31.52 -53.83
CA LYS B 233 -0.28 31.05 -54.49
C LYS B 233 -1.03 30.07 -53.60
N ILE B 234 -0.30 29.14 -52.97
CA ILE B 234 -0.86 28.05 -52.17
C ILE B 234 -1.39 28.63 -50.85
N LEU B 235 -0.58 29.50 -50.24
CA LEU B 235 -0.96 30.28 -49.07
C LEU B 235 -2.22 31.10 -49.36
N SER B 236 -2.28 31.74 -50.54
CA SER B 236 -3.35 32.66 -50.87
C SER B 236 -4.65 31.91 -51.13
N LYS B 237 -4.50 30.62 -51.44
CA LYS B 237 -5.61 29.72 -51.68
C LYS B 237 -6.43 29.54 -50.41
N TYR B 238 -5.75 29.50 -49.26
CA TYR B 238 -6.38 29.10 -48.01
C TYR B 238 -6.51 30.28 -47.06
N ILE B 239 -5.51 31.17 -47.05
CA ILE B 239 -5.47 32.31 -46.16
C ILE B 239 -5.68 33.60 -46.94
N HIS B 240 -6.41 34.54 -46.32
CA HIS B 240 -6.52 35.90 -46.79
C HIS B 240 -5.18 36.61 -46.57
N LEU B 241 -4.39 36.70 -47.64
CA LEU B 241 -3.12 37.41 -47.58
C LEU B 241 -3.28 38.88 -47.95
N GLU B 242 -2.21 39.64 -47.71
CA GLU B 242 -2.29 41.10 -47.63
C GLU B 242 -1.53 41.71 -48.82
N ASP B 301 5.23 41.82 -41.90
CA ASP B 301 4.67 41.59 -43.26
C ASP B 301 4.72 40.10 -43.59
N PRO B 302 3.88 39.62 -44.54
CA PRO B 302 3.97 38.25 -45.06
C PRO B 302 5.25 37.89 -45.80
N GLN B 303 5.95 38.90 -46.37
CA GLN B 303 7.09 38.65 -47.24
C GLN B 303 8.31 38.19 -46.44
N GLU B 304 8.57 38.84 -45.28
CA GLU B 304 9.72 38.50 -44.43
C GLU B 304 9.56 37.10 -43.85
N ILE B 305 8.37 36.51 -44.03
CA ILE B 305 8.05 35.16 -43.61
C ILE B 305 8.37 34.19 -44.75
N ILE B 306 7.90 34.55 -45.95
CA ILE B 306 7.83 33.66 -47.10
C ILE B 306 9.23 33.23 -47.55
N ASN B 307 10.24 34.07 -47.28
CA ASN B 307 11.58 33.83 -47.80
C ASN B 307 12.31 32.76 -46.99
N ASN B 308 11.96 32.65 -45.70
CA ASN B 308 12.54 31.64 -44.84
C ASN B 308 12.15 30.26 -45.34
N MET B 309 10.93 30.19 -45.90
CA MET B 309 10.19 28.98 -46.21
C MET B 309 10.73 28.30 -47.46
N VAL B 310 11.46 29.04 -48.31
CA VAL B 310 11.78 28.55 -49.64
C VAL B 310 12.61 27.27 -49.54
N ASP B 311 13.67 27.34 -48.73
CA ASP B 311 14.63 26.23 -48.64
C ASP B 311 14.08 25.12 -47.73
N ASN B 312 13.15 25.47 -46.83
CA ASN B 312 12.74 24.63 -45.71
C ASN B 312 12.26 23.24 -46.12
N ILE B 313 11.59 23.13 -47.28
CA ILE B 313 10.96 21.90 -47.71
C ILE B 313 11.89 21.14 -48.65
N GLU B 314 12.83 20.40 -48.06
CA GLU B 314 13.85 19.67 -48.79
C GLU B 314 13.20 18.52 -49.59
N PHE B 315 12.17 17.90 -49.00
CA PHE B 315 11.46 16.77 -49.59
C PHE B 315 10.12 16.58 -48.88
N LEU B 316 9.38 15.54 -49.27
CA LEU B 316 8.12 15.17 -48.63
C LEU B 316 7.97 13.65 -48.57
N SER B 317 7.89 13.13 -47.33
CA SER B 317 7.69 11.71 -47.11
C SER B 317 6.37 11.45 -46.36
N ILE B 318 5.51 10.63 -46.98
CA ILE B 318 4.21 10.24 -46.46
C ILE B 318 4.09 8.73 -46.67
N PRO B 319 3.99 7.91 -45.59
CA PRO B 319 4.01 8.41 -44.21
C PRO B 319 5.38 8.98 -43.90
N HIS B 320 5.43 9.93 -42.96
CA HIS B 320 6.66 10.49 -42.43
C HIS B 320 7.66 9.38 -42.19
N VAL B 321 8.93 9.72 -42.35
CA VAL B 321 10.03 8.78 -42.29
C VAL B 321 10.03 8.08 -40.93
N TYR B 322 9.95 8.86 -39.85
CA TYR B 322 10.24 8.38 -38.52
C TYR B 322 9.06 7.63 -37.88
N THR B 323 7.97 7.44 -38.62
CA THR B 323 6.71 6.98 -38.07
C THR B 323 6.86 5.71 -37.22
N THR B 324 7.84 4.86 -37.59
CA THR B 324 7.91 3.49 -37.13
C THR B 324 9.17 3.30 -36.28
N HIS B 325 10.01 4.34 -36.27
CA HIS B 325 11.33 4.24 -35.65
C HIS B 325 11.36 4.99 -34.32
N ARG B 326 10.58 6.08 -34.22
CA ARG B 326 10.47 6.86 -32.99
C ARG B 326 9.39 6.30 -32.08
N TYR B 327 9.80 5.86 -30.89
CA TYR B 327 8.81 5.35 -29.94
C TYR B 327 7.73 6.40 -29.69
N SER B 328 8.15 7.65 -29.45
CA SER B 328 7.27 8.77 -29.16
C SER B 328 6.15 8.85 -30.19
N ILE B 329 6.41 8.56 -31.46
CA ILE B 329 5.34 8.70 -32.45
C ILE B 329 4.36 7.55 -32.30
N LEU B 330 4.85 6.32 -32.17
CA LEU B 330 3.90 5.22 -32.01
C LEU B 330 3.06 5.40 -30.74
N LEU B 331 3.71 5.84 -29.64
CA LEU B 331 3.10 6.11 -28.35
C LEU B 331 1.88 7.00 -28.52
N CYS B 332 2.06 8.14 -29.19
CA CYS B 332 0.95 9.03 -29.46
C CYS B 332 -0.11 8.38 -30.34
N LEU B 333 0.31 7.73 -31.44
CA LEU B 333 -0.64 7.22 -32.42
C LEU B 333 -1.50 6.12 -31.78
N ASN B 334 -0.94 5.44 -30.77
CA ASN B 334 -1.62 4.34 -30.12
C ASN B 334 -2.79 4.84 -29.27
N ASP B 335 -2.79 6.13 -28.93
CA ASP B 335 -3.92 6.73 -28.23
C ASP B 335 -5.09 6.89 -29.17
N MET B 336 -4.80 7.19 -30.45
CA MET B 336 -5.79 7.73 -31.39
C MET B 336 -6.25 6.65 -32.36
N ILE B 337 -5.32 5.96 -33.01
CA ILE B 337 -5.69 5.07 -34.09
C ILE B 337 -5.00 3.72 -33.91
N PRO B 338 -5.22 3.02 -32.78
CA PRO B 338 -4.55 1.76 -32.53
C PRO B 338 -4.72 0.71 -33.64
N GLU B 339 -5.86 0.72 -34.32
CA GLU B 339 -6.23 -0.40 -35.16
C GLU B 339 -5.96 -0.09 -36.63
N TYR B 340 -5.29 1.04 -36.87
CA TYR B 340 -4.98 1.49 -38.22
C TYR B 340 -3.79 0.71 -38.78
N LYS B 341 -3.97 0.20 -40.01
CA LYS B 341 -2.86 -0.36 -40.78
C LYS B 341 -2.71 0.41 -42.10
N HIS B 342 -1.55 1.02 -42.29
CA HIS B 342 -1.16 1.58 -43.58
C HIS B 342 -0.53 0.49 -44.43
N ASN B 343 -0.53 0.69 -45.76
CA ASN B 343 0.02 -0.27 -46.71
C ASN B 343 1.48 -0.52 -46.39
N VAL B 344 2.18 0.57 -46.07
CA VAL B 344 3.59 0.65 -45.77
C VAL B 344 3.94 -0.09 -44.47
N LEU B 345 2.95 -0.43 -43.65
CA LEU B 345 3.25 -0.96 -42.32
C LEU B 345 2.91 -2.45 -42.27
N ASN B 346 3.69 -3.17 -41.45
CA ASN B 346 3.63 -4.63 -41.39
C ASN B 346 2.43 -5.06 -40.56
N ASN B 347 1.99 -4.17 -39.67
CA ASN B 347 0.96 -4.48 -38.71
C ASN B 347 0.27 -3.18 -38.28
N THR B 348 -0.79 -3.32 -37.48
CA THR B 348 -1.49 -2.18 -36.90
C THR B 348 -0.59 -1.45 -35.91
N ILE B 349 -0.92 -0.18 -35.69
CA ILE B 349 -0.16 0.72 -34.85
C ILE B 349 -0.07 0.16 -33.43
N ARG B 350 -1.20 -0.35 -32.93
CA ARG B 350 -1.22 -1.06 -31.66
C ARG B 350 -0.14 -2.14 -31.64
N CYS B 351 -0.07 -2.97 -32.69
CA CYS B 351 0.84 -4.11 -32.64
C CYS B 351 2.28 -3.61 -32.72
N LEU B 352 2.55 -2.64 -33.60
CA LEU B 352 3.88 -2.07 -33.67
C LEU B 352 4.26 -1.47 -32.32
N TYR B 353 3.31 -0.76 -31.67
CA TYR B 353 3.56 -0.16 -30.37
C TYR B 353 3.99 -1.22 -29.35
N ASN B 354 3.21 -2.30 -29.22
CA ASN B 354 3.42 -3.30 -28.19
C ASN B 354 4.74 -4.04 -28.42
N LYS B 355 5.09 -4.21 -29.70
CA LYS B 355 6.27 -4.97 -30.10
C LYS B 355 7.49 -4.16 -29.73
N TYR B 356 7.39 -2.84 -29.89
CA TYR B 356 8.48 -1.96 -29.53
C TYR B 356 8.74 -2.07 -28.02
N VAL B 357 7.68 -1.91 -27.21
CA VAL B 357 7.78 -1.95 -25.75
C VAL B 357 8.45 -3.26 -25.33
N SER B 358 7.97 -4.34 -25.94
CA SER B 358 8.36 -5.69 -25.62
C SER B 358 9.80 -5.98 -26.09
N ARG B 359 10.19 -5.43 -27.24
CA ARG B 359 11.53 -5.66 -27.72
C ARG B 359 12.53 -4.88 -26.87
N MET B 360 12.14 -3.68 -26.42
CA MET B 360 13.03 -2.88 -25.57
C MET B 360 13.25 -3.61 -24.26
N LYS B 361 12.22 -4.33 -23.78
CA LYS B 361 12.33 -5.11 -22.56
C LYS B 361 13.21 -6.32 -22.79
N GLU B 362 12.89 -7.15 -23.79
CA GLU B 362 13.58 -8.42 -24.02
C GLU B 362 15.06 -8.21 -24.34
N GLN B 363 15.38 -7.18 -25.12
CA GLN B 363 16.64 -7.09 -25.83
C GLN B 363 17.61 -6.10 -25.19
N TYR B 364 17.10 -5.05 -24.56
CA TYR B 364 18.00 -4.09 -23.92
C TYR B 364 17.69 -4.00 -22.45
N ASN B 365 16.72 -4.79 -21.97
CA ASN B 365 16.34 -4.75 -20.56
C ASN B 365 15.94 -3.33 -20.13
N ILE B 366 15.19 -2.62 -20.96
CA ILE B 366 14.74 -1.26 -20.66
C ILE B 366 13.21 -1.23 -20.58
N ASN B 367 12.69 -0.55 -19.55
CA ASN B 367 11.28 -0.20 -19.51
C ASN B 367 11.11 1.16 -20.16
N ILE B 368 10.60 1.14 -21.41
CA ILE B 368 10.58 2.27 -22.33
C ILE B 368 9.61 3.34 -21.81
N LYS B 369 8.66 2.91 -20.99
CA LYS B 369 7.70 3.83 -20.41
C LYS B 369 8.34 4.79 -19.41
N GLU B 370 9.34 4.33 -18.66
CA GLU B 370 9.89 5.05 -17.52
C GLU B 370 10.31 6.49 -17.84
N ASN B 371 10.86 6.78 -19.02
CA ASN B 371 11.23 8.15 -19.33
C ASN B 371 10.42 8.66 -20.52
N ASN B 372 9.19 8.13 -20.68
CA ASN B 372 8.28 8.50 -21.74
C ASN B 372 6.89 8.68 -21.11
N LYS B 373 6.68 9.84 -20.48
CA LYS B 373 5.65 10.06 -19.47
C LYS B 373 4.43 10.71 -20.08
N ARG B 374 3.27 10.10 -19.79
CA ARG B 374 1.99 10.65 -20.22
C ARG B 374 1.69 11.90 -19.39
N ILE B 375 1.19 12.95 -20.04
CA ILE B 375 0.84 14.18 -19.34
C ILE B 375 -0.66 14.49 -19.43
N TYR B 376 -1.21 15.08 -18.35
CA TYR B 376 -2.55 15.66 -18.34
C TYR B 376 -2.40 17.12 -17.93
N VAL B 377 -3.39 17.95 -18.28
CA VAL B 377 -3.30 19.37 -17.99
C VAL B 377 -4.54 19.85 -17.22
N LEU B 378 -4.32 20.48 -16.08
CA LEU B 378 -5.43 20.95 -15.28
C LEU B 378 -5.80 22.36 -15.70
N LYS B 379 -4.78 23.19 -15.87
CA LYS B 379 -4.96 24.58 -16.26
C LYS B 379 -4.03 24.90 -17.43
N ASP B 380 -2.76 25.18 -17.11
CA ASP B 380 -1.81 25.54 -18.16
C ASP B 380 -0.42 24.91 -17.93
N ARG B 381 -0.29 24.09 -16.88
CA ARG B 381 0.98 23.45 -16.54
C ARG B 381 0.92 21.93 -16.77
N ILE B 382 2.08 21.33 -17.00
CA ILE B 382 2.23 19.90 -17.15
C ILE B 382 2.02 19.20 -15.81
N SER B 383 1.12 18.19 -15.80
CA SER B 383 1.05 17.19 -14.74
C SER B 383 1.43 15.82 -15.30
N TYR B 384 2.27 15.07 -14.57
CA TYR B 384 2.66 13.74 -15.01
C TYR B 384 1.63 12.77 -14.48
N LEU B 385 0.98 12.03 -15.39
CA LEU B 385 -0.07 11.13 -14.99
C LEU B 385 0.49 10.22 -13.90
N LYS B 386 -0.22 10.13 -12.78
CA LYS B 386 0.07 9.12 -11.78
C LYS B 386 1.25 9.50 -10.90
N GLU B 387 1.74 10.74 -11.00
CA GLU B 387 2.88 11.10 -10.18
C GLU B 387 2.53 11.85 -8.88
N LYS B 388 1.28 12.25 -8.69
CA LYS B 388 0.89 13.01 -7.52
C LYS B 388 -0.63 12.93 -7.31
N THR B 389 -1.03 12.77 -6.06
CA THR B 389 -2.43 12.82 -5.68
C THR B 389 -2.78 14.22 -5.20
N ASN B 390 -3.46 15.00 -6.04
CA ASN B 390 -3.80 16.37 -5.70
C ASN B 390 -5.12 16.41 -4.94
N ILE B 391 -5.19 17.35 -4.00
CA ILE B 391 -6.39 17.58 -3.22
C ILE B 391 -7.25 18.64 -3.91
N VAL B 392 -8.53 18.32 -4.03
CA VAL B 392 -9.49 19.23 -4.61
C VAL B 392 -10.45 19.57 -3.49
N GLY B 393 -10.38 20.83 -3.01
CA GLY B 393 -11.16 21.20 -1.83
C GLY B 393 -12.58 21.62 -2.21
N ILE B 394 -13.56 21.14 -1.46
CA ILE B 394 -14.96 21.34 -1.80
C ILE B 394 -15.47 22.66 -1.19
N LEU B 395 -16.07 23.50 -2.03
CA LEU B 395 -16.83 24.64 -1.56
C LEU B 395 -18.23 24.58 -2.18
N ASN B 396 -19.15 24.02 -1.40
CA ASN B 396 -20.54 23.93 -1.79
C ASN B 396 -21.26 25.11 -1.14
N VAL B 397 -21.49 26.18 -1.92
CA VAL B 397 -22.08 27.43 -1.42
C VAL B 397 -23.46 27.17 -0.82
N ASN B 398 -24.30 26.45 -1.57
CA ASN B 398 -25.59 25.99 -1.07
C ASN B 398 -25.45 25.51 0.38
N TYR B 399 -24.48 24.63 0.65
CA TYR B 399 -24.30 24.08 1.99
C TYR B 399 -23.71 25.13 2.92
N ASP B 400 -22.57 25.71 2.51
CA ASP B 400 -21.85 26.71 3.28
C ASP B 400 -22.82 27.78 3.82
N SER B 401 -23.95 27.98 3.13
CA SER B 401 -24.83 29.12 3.37
C SER B 401 -26.11 28.74 4.10
N PHE B 402 -26.66 27.55 3.85
CA PHE B 402 -27.96 27.18 4.43
C PHE B 402 -27.84 26.01 5.41
N SER B 403 -26.76 25.98 6.20
CA SER B 403 -26.60 24.94 7.22
C SER B 403 -26.74 25.53 8.62
N ASP B 404 -26.46 26.84 8.74
CA ASP B 404 -26.94 27.64 9.86
C ASP B 404 -28.42 27.37 10.10
N GLY B 405 -29.14 27.01 9.03
CA GLY B 405 -30.58 27.17 8.92
C GLY B 405 -30.95 28.54 8.32
N GLY B 406 -29.92 29.38 8.10
CA GLY B 406 -30.04 30.70 7.51
C GLY B 406 -30.63 30.70 6.09
N ILE B 407 -30.81 31.91 5.54
CA ILE B 407 -31.50 32.09 4.26
C ILE B 407 -30.73 33.02 3.32
N PHE B 408 -29.60 33.60 3.79
CA PHE B 408 -28.82 34.45 2.91
C PHE B 408 -27.47 33.81 2.56
N VAL B 409 -27.01 34.09 1.34
CA VAL B 409 -25.64 33.80 0.91
C VAL B 409 -24.68 34.76 1.58
N GLU B 410 -23.62 34.22 2.20
CA GLU B 410 -22.55 35.07 2.71
C GLU B 410 -21.29 34.94 1.85
N PRO B 411 -21.12 35.72 0.77
CA PRO B 411 -19.95 35.55 -0.11
C PRO B 411 -18.58 35.82 0.52
N LYS B 412 -18.55 36.63 1.59
CA LYS B 412 -17.29 36.95 2.27
C LYS B 412 -16.80 35.70 2.99
N ARG B 413 -17.73 35.03 3.69
CA ARG B 413 -17.50 33.79 4.42
C ARG B 413 -17.04 32.72 3.44
N ALA B 414 -17.76 32.59 2.32
CA ALA B 414 -17.41 31.66 1.27
C ALA B 414 -15.98 31.89 0.80
N VAL B 415 -15.61 33.14 0.49
CA VAL B 415 -14.26 33.38 0.00
C VAL B 415 -13.19 33.13 1.08
N GLN B 416 -13.50 33.44 2.35
CA GLN B 416 -12.59 33.07 3.43
C GLN B 416 -12.27 31.57 3.38
N ARG B 417 -13.31 30.74 3.17
CA ARG B 417 -13.19 29.28 3.13
C ARG B 417 -12.25 28.89 2.00
N MET B 418 -12.32 29.62 0.88
CA MET B 418 -11.46 29.32 -0.23
C MET B 418 -10.01 29.59 0.17
N PHE B 419 -9.75 30.64 0.96
CA PHE B 419 -8.39 30.99 1.37
C PHE B 419 -7.89 30.02 2.44
N GLU B 420 -8.76 29.65 3.36
CA GLU B 420 -8.47 28.62 4.33
C GLU B 420 -8.03 27.34 3.59
N MET B 421 -8.69 27.02 2.47
CA MET B 421 -8.43 25.75 1.83
C MET B 421 -7.09 25.79 1.13
N ILE B 422 -6.79 26.93 0.49
CA ILE B 422 -5.52 27.15 -0.15
C ILE B 422 -4.39 26.97 0.88
N ASN B 423 -4.53 27.62 2.04
CA ASN B 423 -3.48 27.51 3.04
C ASN B 423 -3.38 26.08 3.56
N GLU B 424 -4.50 25.37 3.59
CA GLU B 424 -4.56 24.03 4.14
C GLU B 424 -3.88 23.06 3.16
N GLY B 425 -3.67 23.47 1.90
CA GLY B 425 -2.95 22.64 0.95
C GLY B 425 -3.74 22.17 -0.28
N ALA B 426 -5.00 22.59 -0.46
CA ALA B 426 -5.72 22.33 -1.70
C ALA B 426 -5.00 22.91 -2.93
N SER B 427 -4.93 22.14 -4.03
CA SER B 427 -4.36 22.56 -5.31
C SER B 427 -5.46 23.09 -6.23
N VAL B 428 -6.67 22.57 -6.01
CA VAL B 428 -7.83 22.92 -6.80
C VAL B 428 -8.92 23.23 -5.81
N ILE B 429 -9.81 24.14 -6.21
CA ILE B 429 -11.03 24.37 -5.43
C ILE B 429 -12.18 24.07 -6.37
N ASP B 430 -13.11 23.20 -5.92
CA ASP B 430 -14.32 22.89 -6.66
C ASP B 430 -15.49 23.62 -6.00
N ILE B 431 -16.03 24.63 -6.68
CA ILE B 431 -17.17 25.38 -6.14
C ILE B 431 -18.46 24.95 -6.87
N GLY B 432 -19.57 24.87 -6.12
CA GLY B 432 -20.88 24.64 -6.69
C GLY B 432 -22.06 25.22 -5.88
N GLY B 433 -23.17 25.44 -6.59
CA GLY B 433 -24.41 25.98 -6.07
C GLY B 433 -25.55 24.96 -6.00
N GLU B 434 -25.67 24.11 -7.01
CA GLU B 434 -26.61 22.99 -6.95
C GLU B 434 -26.12 21.94 -5.97
N SER B 435 -27.01 21.46 -5.09
CA SER B 435 -26.74 20.30 -4.24
C SER B 435 -27.02 19.02 -5.01
N PHE B 436 -26.00 18.14 -5.15
CA PHE B 436 -26.14 16.93 -5.95
C PHE B 436 -26.14 15.67 -5.09
N GLY B 437 -26.01 15.85 -3.76
CA GLY B 437 -26.11 14.75 -2.81
C GLY B 437 -27.54 14.24 -2.67
N PRO B 438 -27.78 13.08 -2.01
CA PRO B 438 -29.13 12.51 -1.93
C PRO B 438 -30.11 13.24 -1.00
N PHE B 439 -29.57 14.08 -0.10
CA PHE B 439 -30.27 14.51 1.11
C PHE B 439 -31.25 15.66 0.85
N VAL B 440 -31.56 16.42 1.92
CA VAL B 440 -32.65 17.38 2.03
C VAL B 440 -32.31 18.70 1.33
N ILE B 441 -33.22 19.16 0.44
CA ILE B 441 -33.06 20.35 -0.41
C ILE B 441 -33.62 21.59 0.29
N PRO B 442 -32.77 22.60 0.64
CA PRO B 442 -33.25 23.93 1.01
C PRO B 442 -33.01 25.02 -0.04
N ASN B 443 -33.07 24.63 -1.34
CA ASN B 443 -32.92 25.57 -2.44
C ASN B 443 -34.22 26.34 -2.65
N PRO B 444 -34.17 27.69 -2.52
CA PRO B 444 -35.36 28.53 -2.61
C PRO B 444 -35.34 29.30 -3.93
N LYS B 445 -35.57 30.61 -3.83
CA LYS B 445 -35.66 31.43 -5.02
C LYS B 445 -34.25 31.65 -5.59
N ILE B 446 -33.23 31.58 -4.72
CA ILE B 446 -31.89 31.99 -5.12
C ILE B 446 -31.25 30.96 -6.07
N SER B 447 -30.86 31.42 -7.26
CA SER B 447 -30.46 30.55 -8.35
C SER B 447 -29.03 30.02 -8.13
N GLU B 448 -28.64 29.01 -8.93
CA GLU B 448 -27.26 28.56 -9.00
C GLU B 448 -26.35 29.71 -9.43
N ARG B 449 -26.75 30.42 -10.47
CA ARG B 449 -25.92 31.50 -10.94
C ARG B 449 -25.63 32.46 -9.78
N ASP B 450 -26.65 32.73 -8.97
CA ASP B 450 -26.56 33.78 -7.96
C ASP B 450 -25.71 33.28 -6.79
N LEU B 451 -25.66 31.95 -6.66
CA LEU B 451 -24.89 31.31 -5.60
C LEU B 451 -23.41 31.36 -5.94
N VAL B 452 -23.04 31.14 -7.20
CA VAL B 452 -21.63 30.85 -7.43
C VAL B 452 -20.93 32.06 -8.04
N VAL B 453 -21.59 32.78 -8.95
CA VAL B 453 -20.86 33.83 -9.66
C VAL B 453 -20.41 34.94 -8.71
N PRO B 454 -21.27 35.51 -7.83
CA PRO B 454 -20.77 36.47 -6.83
C PRO B 454 -19.56 35.97 -6.05
N VAL B 455 -19.65 34.77 -5.44
CA VAL B 455 -18.52 34.23 -4.71
C VAL B 455 -17.27 34.18 -5.58
N LEU B 456 -17.41 33.76 -6.84
CA LEU B 456 -16.22 33.57 -7.65
C LEU B 456 -15.62 34.93 -8.00
N GLN B 457 -16.46 35.97 -8.04
CA GLN B 457 -16.04 37.31 -8.43
C GLN B 457 -15.34 38.01 -7.27
N LEU B 458 -15.86 37.83 -6.06
CA LEU B 458 -15.15 38.36 -4.91
C LEU B 458 -13.79 37.66 -4.77
N PHE B 459 -13.73 36.35 -5.06
CA PHE B 459 -12.48 35.61 -4.98
C PHE B 459 -11.46 36.19 -5.96
N GLN B 460 -11.90 36.48 -7.18
CA GLN B 460 -11.02 37.02 -8.21
C GLN B 460 -10.49 38.39 -7.78
N LYS B 461 -11.36 39.20 -7.16
CA LYS B 461 -10.98 40.53 -6.72
C LYS B 461 -10.00 40.38 -5.56
N GLU B 462 -10.40 39.62 -4.54
CA GLU B 462 -9.59 39.43 -3.36
C GLU B 462 -8.23 38.86 -3.75
N TRP B 463 -8.17 37.95 -4.73
CA TRP B 463 -6.88 37.37 -5.08
C TRP B 463 -6.03 38.44 -5.76
N ASN B 464 -6.68 39.30 -6.54
CA ASN B 464 -5.99 40.32 -7.31
C ASN B 464 -5.49 41.44 -6.39
N ASP B 465 -6.37 41.91 -5.49
CA ASP B 465 -6.03 42.88 -4.45
C ASP B 465 -5.22 42.19 -3.36
N ILE B 466 -4.35 41.26 -3.77
CA ILE B 466 -3.27 40.78 -2.93
C ILE B 466 -2.38 41.99 -2.61
N LYS B 467 -2.54 42.51 -1.38
CA LYS B 467 -1.75 43.62 -0.84
C LYS B 467 -0.26 43.27 -0.95
N ASN B 468 0.08 42.02 -0.59
CA ASN B 468 1.41 41.46 -0.65
C ASN B 468 1.98 41.60 -2.06
N LYS B 469 3.32 41.53 -2.16
CA LYS B 469 3.97 41.37 -3.45
C LYS B 469 3.44 40.08 -4.07
N ILE B 470 3.36 40.06 -5.41
CA ILE B 470 2.90 38.88 -6.14
C ILE B 470 3.96 37.77 -6.04
N VAL B 471 4.23 37.34 -4.79
CA VAL B 471 5.04 36.18 -4.43
C VAL B 471 4.18 34.94 -4.65
N LYS B 472 2.86 35.13 -4.50
CA LYS B 472 1.85 34.08 -4.53
C LYS B 472 1.32 33.94 -5.96
N CYS B 473 1.97 34.60 -6.94
CA CYS B 473 1.55 34.63 -8.34
C CYS B 473 1.47 33.24 -8.96
N ASP B 474 2.41 32.36 -8.54
CA ASP B 474 2.60 31.03 -9.09
C ASP B 474 2.01 29.98 -8.14
N ALA B 475 1.38 30.45 -7.07
CA ALA B 475 0.79 29.58 -6.06
C ALA B 475 -0.74 29.73 -6.06
N LYS B 476 -1.28 30.15 -7.21
CA LYS B 476 -2.70 30.40 -7.33
C LYS B 476 -3.44 29.09 -7.60
N PRO B 477 -4.56 28.84 -6.89
CA PRO B 477 -5.27 27.57 -7.07
C PRO B 477 -6.02 27.57 -8.42
N ILE B 478 -6.10 26.36 -8.99
CA ILE B 478 -6.97 26.07 -10.11
C ILE B 478 -8.39 26.08 -9.56
N ILE B 479 -9.31 26.69 -10.31
CA ILE B 479 -10.71 26.76 -9.88
C ILE B 479 -11.55 25.86 -10.77
N SER B 480 -12.32 25.00 -10.13
CA SER B 480 -13.18 24.10 -10.89
C SER B 480 -14.62 24.41 -10.50
N ILE B 481 -15.53 24.38 -11.49
CA ILE B 481 -16.92 24.60 -11.13
C ILE B 481 -17.76 23.35 -11.39
N ASP B 482 -18.49 22.96 -10.33
CA ASP B 482 -19.37 21.81 -10.32
C ASP B 482 -20.72 22.25 -10.89
N THR B 483 -20.83 22.28 -12.21
CA THR B 483 -22.09 22.66 -12.83
C THR B 483 -22.44 21.73 -14.03
N ILE B 484 -23.74 21.66 -14.37
CA ILE B 484 -24.13 20.99 -15.61
C ILE B 484 -24.79 22.01 -16.53
N ASN B 485 -24.64 23.28 -16.16
CA ASN B 485 -25.44 24.35 -16.72
C ASN B 485 -24.58 25.19 -17.64
N TYR B 486 -24.94 25.18 -18.93
CA TYR B 486 -24.33 25.96 -19.98
C TYR B 486 -24.20 27.42 -19.57
N ASN B 487 -25.30 28.07 -19.16
CA ASN B 487 -25.26 29.50 -18.88
C ASN B 487 -24.28 29.80 -17.74
N VAL B 488 -24.31 29.01 -16.65
CA VAL B 488 -23.45 29.28 -15.51
C VAL B 488 -21.99 29.20 -15.96
N PHE B 489 -21.70 28.16 -16.74
CA PHE B 489 -20.34 27.95 -17.20
C PHE B 489 -19.88 29.11 -18.09
N LYS B 490 -20.74 29.53 -19.02
CA LYS B 490 -20.37 30.60 -19.94
C LYS B 490 -20.07 31.87 -19.16
N GLU B 491 -20.86 32.17 -18.14
CA GLU B 491 -20.57 33.42 -17.47
C GLU B 491 -19.20 33.32 -16.81
N CYS B 492 -18.92 32.16 -16.18
CA CYS B 492 -17.68 31.98 -15.45
C CYS B 492 -16.49 32.08 -16.40
N VAL B 493 -16.64 31.50 -17.58
CA VAL B 493 -15.52 31.38 -18.50
C VAL B 493 -15.23 32.72 -19.19
N ASP B 494 -16.28 33.47 -19.50
CA ASP B 494 -16.18 34.77 -20.15
C ASP B 494 -15.47 35.79 -19.27
N ASN B 495 -15.57 35.62 -17.94
CA ASN B 495 -15.02 36.54 -16.96
C ASN B 495 -13.83 35.94 -16.24
N ASP B 496 -13.25 34.89 -16.85
CA ASP B 496 -12.05 34.21 -16.40
C ASP B 496 -12.14 33.91 -14.90
N LEU B 497 -13.26 33.30 -14.51
CA LEU B 497 -13.55 33.00 -13.12
C LEU B 497 -13.19 31.53 -12.77
N VAL B 498 -13.09 30.65 -13.80
CA VAL B 498 -12.92 29.24 -13.56
C VAL B 498 -11.92 28.65 -14.55
N ASP B 499 -11.43 27.44 -14.26
CA ASP B 499 -10.44 26.79 -15.11
C ASP B 499 -10.98 25.47 -15.64
N ILE B 500 -11.79 24.79 -14.83
CA ILE B 500 -12.18 23.41 -15.09
C ILE B 500 -13.69 23.30 -15.01
N LEU B 501 -14.30 22.68 -16.02
CA LEU B 501 -15.68 22.24 -15.87
C LEU B 501 -15.73 20.87 -15.16
N ASN B 502 -16.40 20.81 -14.01
CA ASN B 502 -16.73 19.57 -13.33
C ASN B 502 -18.20 19.26 -13.58
N ASP B 503 -18.45 18.30 -14.49
CA ASP B 503 -19.78 18.02 -15.02
C ASP B 503 -20.24 16.61 -14.60
N ILE B 504 -21.15 16.55 -13.66
CA ILE B 504 -21.45 15.27 -13.05
C ILE B 504 -22.40 14.50 -13.96
N SER B 505 -22.72 15.10 -15.09
CA SER B 505 -23.57 14.39 -16.03
C SER B 505 -22.71 13.90 -17.20
N ALA B 506 -21.39 14.07 -17.06
CA ALA B 506 -20.46 13.88 -18.16
C ALA B 506 -20.98 14.53 -19.43
N CYS B 507 -21.49 15.78 -19.30
CA CYS B 507 -21.86 16.64 -20.42
C CYS B 507 -23.03 16.06 -21.22
N THR B 508 -23.92 15.36 -20.53
CA THR B 508 -25.04 14.63 -21.06
C THR B 508 -26.27 15.51 -20.93
N ASN B 509 -26.22 16.45 -19.98
CA ASN B 509 -27.34 17.30 -19.68
C ASN B 509 -27.44 18.38 -20.75
N ASN B 510 -26.30 18.71 -21.36
CA ASN B 510 -26.28 19.75 -22.37
C ASN B 510 -24.96 19.73 -23.14
N PRO B 511 -24.84 18.86 -24.16
CA PRO B 511 -23.56 18.60 -24.81
C PRO B 511 -22.95 19.90 -25.36
N GLU B 512 -23.78 20.92 -25.54
CA GLU B 512 -23.29 22.18 -26.09
C GLU B 512 -22.30 22.82 -25.12
N ILE B 513 -22.33 22.42 -23.85
CA ILE B 513 -21.39 22.91 -22.86
C ILE B 513 -19.96 22.57 -23.29
N ILE B 514 -19.84 21.58 -24.19
CA ILE B 514 -18.54 21.16 -24.69
C ILE B 514 -17.89 22.26 -25.53
N LYS B 515 -18.70 23.08 -26.20
CA LYS B 515 -18.22 24.18 -27.02
C LYS B 515 -17.62 25.31 -26.18
N LEU B 516 -17.92 25.35 -24.88
CA LEU B 516 -17.32 26.39 -24.06
C LEU B 516 -15.95 25.96 -23.53
N LEU B 517 -15.55 24.70 -23.75
CA LEU B 517 -14.25 24.26 -23.27
C LEU B 517 -13.16 24.75 -24.21
N LYS B 518 -13.57 25.49 -25.25
CA LYS B 518 -12.71 25.84 -26.37
C LYS B 518 -12.93 27.31 -26.76
N LYS B 519 -11.84 28.00 -27.06
CA LYS B 519 -11.93 29.37 -27.53
C LYS B 519 -10.88 29.63 -28.61
N LYS B 520 -10.85 30.88 -29.10
CA LYS B 520 -9.87 31.30 -30.08
C LYS B 520 -8.47 30.91 -29.61
N ASN B 521 -8.17 31.12 -28.32
CA ASN B 521 -6.84 30.87 -27.76
C ASN B 521 -6.90 30.32 -26.34
N LYS B 522 -7.95 29.55 -26.02
CA LYS B 522 -8.06 28.95 -24.71
C LYS B 522 -8.66 27.56 -24.81
N PHE B 523 -8.15 26.67 -23.97
CA PHE B 523 -8.71 25.35 -23.77
C PHE B 523 -8.99 25.19 -22.28
N TYR B 524 -10.16 24.64 -21.91
CA TYR B 524 -10.40 24.30 -20.53
C TYR B 524 -10.48 22.77 -20.36
N SER B 525 -10.10 22.32 -19.15
CA SER B 525 -10.16 20.91 -18.82
C SER B 525 -11.51 20.59 -18.22
N VAL B 526 -11.84 19.31 -18.23
CA VAL B 526 -13.18 18.86 -17.90
C VAL B 526 -13.08 17.55 -17.11
N VAL B 527 -13.89 17.44 -16.04
CA VAL B 527 -14.15 16.18 -15.39
C VAL B 527 -15.47 15.61 -15.91
N LEU B 528 -15.44 14.36 -16.37
CA LEU B 528 -16.64 13.62 -16.73
C LEU B 528 -16.91 12.58 -15.65
N MET B 529 -18.12 12.59 -15.12
CA MET B 529 -18.49 11.67 -14.07
C MET B 529 -19.67 10.82 -14.55
N HIS B 530 -19.74 9.58 -14.06
CA HIS B 530 -20.86 8.67 -14.28
C HIS B 530 -21.88 8.76 -13.14
N LYS B 531 -23.16 8.85 -13.51
CA LYS B 531 -24.29 8.63 -12.61
C LYS B 531 -25.47 8.09 -13.42
N ARG B 532 -26.56 7.76 -12.72
CA ARG B 532 -27.85 7.59 -13.36
C ARG B 532 -28.85 8.35 -12.50
N GLY B 533 -29.71 9.14 -13.16
CA GLY B 533 -30.85 9.74 -12.51
C GLY B 533 -30.44 10.98 -11.71
N ASN B 534 -31.20 11.24 -10.63
CA ASN B 534 -30.97 12.44 -9.84
C ASN B 534 -30.95 12.07 -8.36
N PRO B 535 -30.77 13.05 -7.45
CA PRO B 535 -30.63 12.76 -6.03
C PRO B 535 -31.79 11.95 -5.46
N HIS B 536 -33.02 12.23 -5.90
CA HIS B 536 -34.20 11.54 -5.39
C HIS B 536 -34.30 10.12 -5.97
N THR B 537 -33.67 9.90 -7.11
CA THR B 537 -33.91 8.75 -7.96
C THR B 537 -32.78 7.72 -7.91
N MET B 538 -31.55 8.21 -7.70
CA MET B 538 -30.34 7.49 -8.07
C MET B 538 -30.12 6.23 -7.23
N ASP B 539 -30.57 6.21 -5.96
CA ASP B 539 -30.27 5.11 -5.06
C ASP B 539 -30.99 3.83 -5.48
N LYS B 540 -31.94 3.94 -6.42
CA LYS B 540 -32.68 2.76 -6.82
C LYS B 540 -32.28 2.28 -8.21
N LEU B 541 -31.30 2.95 -8.84
CA LEU B 541 -30.89 2.81 -10.22
C LEU B 541 -29.57 2.06 -10.29
N THR B 542 -29.63 0.84 -9.78
CA THR B 542 -28.45 0.21 -9.22
C THR B 542 -28.12 -1.09 -9.95
N ASN B 543 -28.85 -1.43 -11.04
CA ASN B 543 -28.54 -2.68 -11.72
C ASN B 543 -27.53 -2.47 -12.86
N TYR B 544 -26.37 -3.12 -12.72
CA TYR B 544 -25.34 -3.12 -13.74
C TYR B 544 -25.13 -4.55 -14.18
N ASP B 545 -24.94 -4.69 -15.49
CA ASP B 545 -24.62 -5.96 -16.07
C ASP B 545 -23.20 -6.31 -15.62
N ASN B 546 -22.30 -5.32 -15.71
CA ASN B 546 -20.93 -5.44 -15.28
C ASN B 546 -20.45 -4.11 -14.72
N LEU B 547 -20.70 -3.88 -13.43
CA LEU B 547 -20.51 -2.58 -12.79
C LEU B 547 -19.24 -1.88 -13.25
N VAL B 548 -18.09 -2.54 -13.11
CA VAL B 548 -16.80 -1.89 -13.29
C VAL B 548 -16.63 -1.45 -14.74
N TYR B 549 -16.96 -2.34 -15.66
CA TYR B 549 -16.66 -2.16 -17.08
C TYR B 549 -17.75 -1.32 -17.77
N ASP B 550 -19.00 -1.42 -17.27
CA ASP B 550 -20.04 -0.56 -17.79
C ASP B 550 -19.67 0.89 -17.55
N ILE B 551 -19.20 1.21 -16.32
CA ILE B 551 -18.90 2.59 -15.98
C ILE B 551 -17.69 3.05 -16.79
N LYS B 552 -16.68 2.17 -16.86
CA LYS B 552 -15.48 2.51 -17.59
C LYS B 552 -15.82 2.74 -19.07
N ASN B 553 -16.58 1.82 -19.67
CA ASN B 553 -16.97 1.99 -21.08
C ASN B 553 -17.77 3.28 -21.30
N TYR B 554 -18.71 3.58 -20.37
CA TYR B 554 -19.45 4.82 -20.42
C TYR B 554 -18.49 6.02 -20.56
N LEU B 555 -17.48 6.10 -19.70
CA LEU B 555 -16.60 7.25 -19.66
C LEU B 555 -15.74 7.26 -20.91
N GLU B 556 -15.31 6.09 -21.36
CA GLU B 556 -14.51 6.08 -22.58
C GLU B 556 -15.34 6.57 -23.76
N GLN B 557 -16.64 6.23 -23.80
CA GLN B 557 -17.50 6.76 -24.85
C GLN B 557 -17.62 8.29 -24.73
N ARG B 558 -17.81 8.84 -23.52
CA ARG B 558 -17.79 10.29 -23.42
C ARG B 558 -16.44 10.87 -23.84
N LEU B 559 -15.33 10.30 -23.37
CA LEU B 559 -14.08 10.82 -23.86
C LEU B 559 -14.09 10.84 -25.39
N ASN B 560 -14.46 9.73 -26.04
CA ASN B 560 -14.38 9.68 -27.50
C ASN B 560 -15.21 10.78 -28.14
N PHE B 561 -16.35 11.09 -27.52
CA PHE B 561 -17.20 12.11 -28.10
C PHE B 561 -16.51 13.46 -28.00
N LEU B 562 -15.93 13.76 -26.83
CA LEU B 562 -15.31 15.06 -26.68
C LEU B 562 -14.07 15.19 -27.59
N VAL B 563 -13.33 14.08 -27.74
CA VAL B 563 -12.13 14.09 -28.56
C VAL B 563 -12.53 14.29 -30.02
N LEU B 564 -13.56 13.60 -30.47
CA LEU B 564 -14.07 13.82 -31.81
C LEU B 564 -14.41 15.30 -32.02
N ASN B 565 -14.80 16.03 -30.97
CA ASN B 565 -15.14 17.44 -31.11
C ASN B 565 -13.97 18.36 -30.76
N GLY B 566 -12.76 17.76 -30.70
CA GLY B 566 -11.52 18.52 -30.66
C GLY B 566 -11.22 19.04 -29.26
N ILE B 567 -11.85 18.43 -28.24
CA ILE B 567 -11.32 18.66 -26.92
C ILE B 567 -10.05 17.83 -26.77
N PRO B 568 -8.89 18.44 -26.39
CA PRO B 568 -7.64 17.70 -26.27
C PRO B 568 -7.78 16.55 -25.27
N ARG B 569 -7.35 15.35 -25.66
CA ARG B 569 -7.51 14.15 -24.85
C ARG B 569 -6.95 14.38 -23.44
N TYR B 570 -5.78 15.03 -23.34
CA TYR B 570 -5.05 15.15 -22.08
C TYR B 570 -5.71 16.15 -21.14
N ARG B 571 -6.86 16.72 -21.53
CA ARG B 571 -7.54 17.68 -20.70
C ARG B 571 -8.82 17.05 -20.12
N ILE B 572 -9.00 15.74 -20.33
CA ILE B 572 -10.23 15.09 -19.92
C ILE B 572 -9.95 14.11 -18.79
N LEU B 573 -10.72 14.22 -17.70
CA LEU B 573 -10.48 13.45 -16.48
C LEU B 573 -11.71 12.59 -16.24
N PHE B 574 -11.52 11.42 -15.62
CA PHE B 574 -12.62 10.49 -15.45
C PHE B 574 -12.96 10.45 -13.99
N ASP B 575 -14.24 10.20 -13.68
CA ASP B 575 -14.69 10.04 -12.30
C ASP B 575 -15.76 8.97 -12.31
N ILE B 576 -15.58 7.93 -11.49
CA ILE B 576 -16.50 6.79 -11.44
C ILE B 576 -17.81 7.14 -10.73
N GLY B 577 -17.84 8.31 -10.08
CA GLY B 577 -19.03 8.80 -9.37
C GLY B 577 -19.48 7.96 -8.18
N LEU B 578 -18.65 7.86 -7.13
CA LEU B 578 -19.01 7.08 -5.96
C LEU B 578 -20.32 7.57 -5.37
N GLY B 579 -21.21 6.64 -5.01
CA GLY B 579 -22.47 6.95 -4.37
C GLY B 579 -23.55 7.50 -5.31
N PHE B 580 -23.25 7.69 -6.60
CA PHE B 580 -24.27 8.12 -7.55
C PHE B 580 -24.78 6.88 -8.31
N ALA B 581 -25.99 6.39 -7.91
CA ALA B 581 -26.57 5.15 -8.42
C ALA B 581 -25.62 3.98 -8.19
N LYS B 582 -25.10 3.91 -6.96
CA LYS B 582 -24.31 2.77 -6.52
C LYS B 582 -24.73 2.45 -5.08
N LYS B 583 -25.05 1.18 -4.84
CA LYS B 583 -25.16 0.64 -3.50
C LYS B 583 -23.80 0.82 -2.83
N HIS B 584 -23.77 0.71 -1.49
CA HIS B 584 -22.54 0.83 -0.71
C HIS B 584 -21.45 -0.15 -1.12
N ASP B 585 -21.81 -1.43 -1.34
CA ASP B 585 -20.92 -2.49 -1.80
C ASP B 585 -20.40 -2.20 -3.21
N GLN B 586 -21.20 -1.51 -4.03
CA GLN B 586 -20.77 -1.18 -5.39
C GLN B 586 -19.79 -0.02 -5.33
N SER B 587 -20.02 0.95 -4.45
CA SER B 587 -19.01 1.99 -4.27
C SER B 587 -17.66 1.36 -3.90
N ILE B 588 -17.66 0.43 -2.92
CA ILE B 588 -16.44 -0.31 -2.57
C ILE B 588 -15.86 -1.02 -3.79
N LYS B 589 -16.72 -1.72 -4.53
CA LYS B 589 -16.22 -2.51 -5.65
C LYS B 589 -15.52 -1.61 -6.67
N LEU B 590 -16.03 -0.39 -6.86
CA LEU B 590 -15.38 0.51 -7.80
C LEU B 590 -14.00 0.91 -7.28
N LEU B 591 -13.86 1.05 -5.96
CA LEU B 591 -12.54 1.33 -5.38
C LEU B 591 -11.65 0.10 -5.49
N GLN B 592 -12.19 -1.10 -5.17
CA GLN B 592 -11.38 -2.31 -5.36
C GLN B 592 -10.83 -2.40 -6.78
N ASN B 593 -11.57 -1.88 -7.79
CA ASN B 593 -11.17 -2.07 -9.17
C ASN B 593 -10.66 -0.80 -9.85
N ILE B 594 -10.15 0.14 -9.03
CA ILE B 594 -9.69 1.44 -9.50
C ILE B 594 -8.53 1.29 -10.49
N HIS B 595 -7.78 0.18 -10.41
CA HIS B 595 -6.68 -0.04 -11.33
C HIS B 595 -7.11 0.07 -12.80
N VAL B 596 -8.39 -0.25 -13.12
CA VAL B 596 -8.80 -0.15 -14.51
C VAL B 596 -8.63 1.25 -15.10
N TYR B 597 -8.32 2.28 -14.27
CA TYR B 597 -8.13 3.67 -14.68
C TYR B 597 -6.65 4.02 -14.82
N ASP B 598 -5.75 3.02 -14.88
CA ASP B 598 -4.32 3.25 -14.74
C ASP B 598 -3.76 4.07 -15.90
N GLU B 599 -4.50 4.15 -17.01
CA GLU B 599 -4.03 4.82 -18.21
C GLU B 599 -4.58 6.24 -18.26
N TYR B 600 -5.48 6.58 -17.33
CA TYR B 600 -6.30 7.77 -17.45
C TYR B 600 -6.12 8.72 -16.27
N PRO B 601 -6.36 10.03 -16.51
CA PRO B 601 -6.46 10.99 -15.41
C PRO B 601 -7.72 10.61 -14.64
N LEU B 602 -7.58 10.45 -13.32
CA LEU B 602 -8.64 9.94 -12.45
C LEU B 602 -8.90 10.92 -11.31
N PHE B 603 -10.16 11.36 -11.22
CA PHE B 603 -10.72 12.29 -10.26
C PHE B 603 -11.79 11.54 -9.46
N ILE B 604 -11.70 11.49 -8.13
CA ILE B 604 -12.79 10.82 -7.41
C ILE B 604 -13.22 11.64 -6.22
N GLY B 605 -14.38 11.25 -5.68
CA GLY B 605 -15.18 11.92 -4.67
C GLY B 605 -15.78 10.91 -3.69
N TYR B 606 -15.07 10.65 -2.57
CA TYR B 606 -15.61 9.72 -1.60
C TYR B 606 -16.05 10.52 -0.38
N SER B 607 -15.62 11.77 -0.32
CA SER B 607 -15.61 12.53 0.91
C SER B 607 -17.00 12.60 1.53
N ARG B 608 -17.11 12.07 2.74
CA ARG B 608 -18.27 12.14 3.62
C ARG B 608 -19.51 11.46 3.03
N LYS B 609 -19.36 10.42 2.22
CA LYS B 609 -20.52 9.81 1.59
C LYS B 609 -20.94 8.61 2.41
N ARG B 610 -22.19 8.17 2.26
CA ARG B 610 -22.77 7.17 3.15
C ARG B 610 -21.97 5.87 3.13
N PHE B 611 -21.37 5.51 1.99
CA PHE B 611 -20.73 4.20 1.86
C PHE B 611 -19.55 4.02 2.83
N ILE B 612 -18.92 5.11 3.31
CA ILE B 612 -17.83 4.98 4.27
C ILE B 612 -18.34 4.46 5.61
N THR B 613 -19.47 5.00 6.07
CA THR B 613 -20.11 4.71 7.34
C THR B 613 -20.55 3.24 7.41
N HIS B 614 -20.93 2.68 6.27
CA HIS B 614 -21.50 1.34 6.18
C HIS B 614 -20.38 0.30 6.33
N CYS B 615 -19.14 0.79 6.22
CA CYS B 615 -17.90 0.02 6.35
C CYS B 615 -17.55 -0.19 7.83
N MET B 616 -18.12 0.67 8.68
CA MET B 616 -17.98 0.63 10.12
C MET B 616 -18.94 -0.39 10.73
N ASN B 617 -18.78 -0.62 12.05
CA ASN B 617 -19.43 -1.68 12.79
C ASN B 617 -20.70 -1.14 13.47
N LYS B 658 -21.29 11.65 20.04
CA LYS B 658 -22.66 11.25 20.46
C LYS B 658 -23.40 10.75 19.21
N ASP B 659 -23.32 11.59 18.17
CA ASP B 659 -23.76 11.38 16.80
C ASP B 659 -22.76 12.12 15.91
N GLN B 660 -21.93 12.95 16.57
CA GLN B 660 -20.71 13.49 15.99
C GLN B 660 -19.61 12.41 16.01
N LEU B 661 -19.94 11.25 16.59
CA LEU B 661 -19.10 10.06 16.50
C LEU B 661 -19.08 9.58 15.05
N LEU B 662 -20.25 9.55 14.41
CA LEU B 662 -20.39 9.11 13.02
C LEU B 662 -19.66 10.07 12.10
N TYR B 663 -19.93 11.36 12.26
CA TYR B 663 -19.20 12.42 11.55
C TYR B 663 -17.70 12.09 11.59
N GLN B 664 -17.15 11.88 12.79
CA GLN B 664 -15.72 11.64 12.98
C GLN B 664 -15.31 10.31 12.38
N LYS B 665 -16.11 9.27 12.58
CA LYS B 665 -15.79 7.98 12.01
C LYS B 665 -15.75 8.13 10.49
N ASN B 666 -16.63 8.99 9.97
CA ASN B 666 -16.75 9.16 8.53
C ASN B 666 -15.52 9.89 8.00
N ILE B 667 -15.17 11.04 8.61
CA ILE B 667 -14.00 11.80 8.16
C ILE B 667 -12.74 10.96 8.25
N CYS B 668 -12.60 10.19 9.34
CA CYS B 668 -11.41 9.35 9.46
C CYS B 668 -11.41 8.20 8.45
N GLY B 669 -12.57 7.54 8.27
CA GLY B 669 -12.70 6.48 7.29
C GLY B 669 -12.32 7.01 5.91
N GLY B 670 -12.58 8.29 5.68
CA GLY B 670 -12.20 8.91 4.43
C GLY B 670 -10.69 9.10 4.27
N LEU B 671 -10.00 9.27 5.41
CA LEU B 671 -8.56 9.45 5.36
C LEU B 671 -7.90 8.13 4.96
N ALA B 672 -8.56 7.03 5.31
CA ALA B 672 -8.21 5.69 4.85
C ALA B 672 -8.23 5.62 3.32
N ILE B 673 -9.24 6.25 2.71
CA ILE B 673 -9.43 6.18 1.28
C ILE B 673 -8.46 7.14 0.61
N ALA B 674 -8.07 8.22 1.31
CA ALA B 674 -6.98 9.06 0.81
C ALA B 674 -5.71 8.23 0.75
N SER B 675 -5.49 7.40 1.78
CA SER B 675 -4.31 6.53 1.87
C SER B 675 -4.32 5.58 0.68
N TYR B 676 -5.47 4.92 0.51
CA TYR B 676 -5.65 3.94 -0.54
C TYR B 676 -5.50 4.62 -1.89
N SER B 677 -6.08 5.81 -2.05
CA SER B 677 -6.01 6.58 -3.27
C SER B 677 -4.56 6.93 -3.56
N TYR B 678 -3.81 7.28 -2.51
CA TYR B 678 -2.39 7.59 -2.61
C TYR B 678 -1.61 6.43 -3.24
N TYR B 679 -1.79 5.22 -2.70
CA TYR B 679 -1.08 4.04 -3.19
C TYR B 679 -1.55 3.60 -4.57
N LYS B 680 -2.76 3.99 -4.98
CA LYS B 680 -3.29 3.58 -6.28
C LYS B 680 -3.00 4.66 -7.29
N LYS B 681 -2.48 5.78 -6.76
CA LYS B 681 -1.91 6.82 -7.59
C LYS B 681 -3.01 7.60 -8.28
N VAL B 682 -4.17 7.69 -7.62
CA VAL B 682 -5.26 8.51 -8.07
C VAL B 682 -4.79 9.96 -8.23
N ASP B 683 -5.16 10.59 -9.34
CA ASP B 683 -4.68 11.92 -9.64
C ASP B 683 -5.31 13.04 -8.79
N LEU B 684 -6.64 13.04 -8.56
CA LEU B 684 -7.30 14.12 -7.83
C LEU B 684 -8.30 13.51 -6.86
N ILE B 685 -8.35 13.99 -5.62
CA ILE B 685 -9.39 13.53 -4.72
C ILE B 685 -10.17 14.75 -4.25
N ARG B 686 -11.51 14.64 -4.23
CA ARG B 686 -12.38 15.76 -3.92
C ARG B 686 -12.78 15.65 -2.45
N VAL B 687 -12.30 16.57 -1.60
CA VAL B 687 -12.47 16.37 -0.16
C VAL B 687 -13.00 17.65 0.50
N HIS B 688 -13.70 17.47 1.63
CA HIS B 688 -14.13 18.55 2.50
C HIS B 688 -13.00 18.94 3.45
N ASP B 689 -12.36 17.93 4.04
CA ASP B 689 -11.40 18.05 5.11
C ASP B 689 -10.00 18.13 4.51
N VAL B 690 -9.63 19.31 4.02
CA VAL B 690 -8.37 19.52 3.32
C VAL B 690 -7.15 19.33 4.24
N LEU B 691 -7.19 19.93 5.43
CA LEU B 691 -6.04 19.89 6.32
C LEU B 691 -5.74 18.43 6.72
N GLU B 692 -6.78 17.67 7.03
CA GLU B 692 -6.61 16.30 7.45
C GLU B 692 -6.05 15.51 6.28
N THR B 693 -6.59 15.74 5.07
CA THR B 693 -6.20 14.97 3.89
C THR B 693 -4.73 15.22 3.55
N LYS B 694 -4.32 16.50 3.70
CA LYS B 694 -2.98 16.95 3.37
C LYS B 694 -1.94 16.37 4.33
N SER B 695 -2.29 16.26 5.62
CA SER B 695 -1.41 15.63 6.59
C SER B 695 -1.09 14.20 6.13
N VAL B 696 -2.15 13.46 5.80
CA VAL B 696 -2.06 12.06 5.46
C VAL B 696 -1.18 11.93 4.23
N LEU B 697 -1.38 12.80 3.24
CA LEU B 697 -0.61 12.64 2.01
C LEU B 697 0.85 13.02 2.27
N ASP B 698 1.08 14.04 3.11
CA ASP B 698 2.43 14.51 3.39
C ASP B 698 3.23 13.39 4.03
N VAL B 699 2.60 12.67 4.96
CA VAL B 699 3.34 11.66 5.71
C VAL B 699 3.60 10.47 4.80
N LEU B 700 2.65 10.15 3.91
CA LEU B 700 2.83 8.97 3.08
C LEU B 700 3.89 9.28 2.03
N THR B 701 3.90 10.52 1.56
CA THR B 701 4.90 10.95 0.60
C THR B 701 6.29 10.88 1.23
N LYS B 702 6.39 11.17 2.54
CA LYS B 702 7.65 11.16 3.27
C LYS B 702 8.13 9.72 3.42
N ILE B 703 7.24 8.82 3.83
CA ILE B 703 7.66 7.44 3.98
C ILE B 703 8.18 6.90 2.64
N ASP B 704 7.64 7.36 1.50
CA ASP B 704 8.10 6.85 0.21
C ASP B 704 9.39 7.48 -0.29
N GLN B 705 9.75 8.68 0.20
CA GLN B 705 10.94 9.35 -0.28
C GLN B 705 12.19 8.70 0.33
N VAL B 706 12.83 7.84 -0.45
CA VAL B 706 14.06 7.13 -0.07
C VAL B 706 15.27 7.85 -0.64
N LYS B 707 16.37 7.83 0.12
CA LYS B 707 17.61 8.42 -0.34
C LYS B 707 18.31 7.50 -1.36
N ASP B 708 18.66 6.28 -0.92
CA ASP B 708 19.37 5.30 -1.74
C ASP B 708 18.43 4.13 -2.07
N PRO B 709 18.05 3.91 -3.35
CA PRO B 709 17.02 2.92 -3.69
C PRO B 709 17.49 1.47 -3.57
N ASN B 710 18.78 1.27 -3.23
CA ASN B 710 19.33 -0.07 -3.12
C ASN B 710 19.85 -0.32 -1.70
N SER B 711 19.82 0.75 -0.89
CA SER B 711 20.19 0.76 0.52
C SER B 711 19.63 -0.46 1.28
N SER B 712 18.37 -0.80 0.99
CA SER B 712 17.65 -1.93 1.58
C SER B 712 18.48 -3.22 1.54
N SER B 713 18.81 -3.69 0.34
CA SER B 713 19.53 -4.95 0.15
C SER B 713 21.02 -4.80 0.50
N VAL B 714 21.54 -3.57 0.41
CA VAL B 714 22.93 -3.25 0.70
C VAL B 714 23.18 -3.35 2.21
N ASP B 715 22.34 -2.67 2.99
CA ASP B 715 22.47 -2.66 4.45
C ASP B 715 22.27 -4.08 4.97
N LYS B 716 21.38 -4.81 4.27
CA LYS B 716 21.07 -6.18 4.67
C LYS B 716 22.35 -7.00 4.57
N LEU B 717 23.01 -6.87 3.42
CA LEU B 717 24.24 -7.58 3.10
C LEU B 717 25.34 -7.17 4.08
N ALA B 718 25.45 -5.85 4.35
CA ALA B 718 26.40 -5.32 5.30
C ALA B 718 26.26 -6.03 6.66
N ALA B 719 25.01 -6.32 7.06
CA ALA B 719 24.67 -6.90 8.35
C ALA B 719 24.99 -8.39 8.42
N ALA B 720 24.81 -9.10 7.30
CA ALA B 720 25.10 -10.53 7.23
C ALA B 720 26.62 -10.79 7.22
N LEU B 721 27.41 -9.81 6.74
CA LEU B 721 28.87 -9.86 6.73
C LEU B 721 29.41 -9.49 8.10
N GLU B 722 28.50 -9.12 9.00
CA GLU B 722 28.72 -8.60 10.33
C GLU B 722 29.53 -7.30 10.27
#